data_4RY1
#
_entry.id   4RY1
#
_cell.length_a   44.751
_cell.length_b   93.669
_cell.length_c   99.148
_cell.angle_alpha   90.00
_cell.angle_beta   90.19
_cell.angle_gamma   90.00
#
_symmetry.space_group_name_H-M   'P 1 21 1'
#
loop_
_entity.id
_entity.type
_entity.pdbx_description
1 polymer 'Periplasmic solute binding protein'
2 non-polymer GLYCEROL
3 non-polymer 'ACETATE ION'
4 water water
#
_entity_poly.entity_id   1
_entity_poly.type   'polypeptide(L)'
_entity_poly.pdbx_seq_one_letter_code
;SMAEIRISWWGGNQRHEATLAAINAFQKANPTITVKAEYAGWDGYLSRLSTQIAGGQEPDVMRIDWNWLPQFSRNGDGFY
DLNKQKDILGLGDFPPNALKTADVKGKLQGLPISMTSRSMIYNKTTWDNAGVAYPKTWDELFAAGPVFKQKLGDSYYPLG
VAQGASDVLDILTLGRSYMAQKYGIDMIDEKKQSIAYSRDQVRELFGFYKKLVDSHVIPDQRYFSSFGRTNVYEIRPWIN
GELAGMYLWDSAIYTYSSNMPKDAVLETGPFITIPGAKDSGLTSKPSSLFAISKNSKHPKEAAMLMNFMLSNPEGVKALG
LQNGMPANPKAQKLLEDIGVINPGNLLANAYRAAAAQPESKVAVSPFMENQELVQLWTTSLQKLDYGNGEVNKVADDFLS
GANRILKRAIR
;
_entity_poly.pdbx_strand_id   A,B
#
loop_
_chem_comp.id
_chem_comp.type
_chem_comp.name
_chem_comp.formula
ACT non-polymer 'ACETATE ION' 'C2 H3 O2 -1'
GOL non-polymer GLYCEROL 'C3 H8 O3'
#
# COMPACT_ATOMS: atom_id res chain seq x y z
N MET A 2 -9.16 13.05 15.51
CA MET A 2 -9.59 12.64 14.14
C MET A 2 -10.29 11.30 14.24
N ALA A 3 -11.23 11.02 13.34
CA ALA A 3 -11.90 9.71 13.29
C ALA A 3 -11.17 8.78 12.32
N GLU A 4 -11.08 7.49 12.63
CA GLU A 4 -10.25 6.56 11.85
C GLU A 4 -11.08 5.43 11.22
N ILE A 5 -10.90 5.26 9.92
CA ILE A 5 -11.49 4.15 9.17
C ILE A 5 -10.43 3.37 8.42
N ARG A 6 -10.65 2.07 8.34
CA ARG A 6 -9.75 1.15 7.67
C ARG A 6 -10.41 0.65 6.40
N ILE A 7 -9.62 0.52 5.34
CA ILE A 7 -10.12 0.01 4.02
C ILE A 7 -9.17 -1.03 3.47
N SER A 8 -9.72 -2.18 3.09
CA SER A 8 -8.97 -3.22 2.41
C SER A 8 -9.37 -3.45 0.97
N TRP A 9 -8.39 -3.86 0.20
CA TRP A 9 -8.62 -4.30 -1.17
C TRP A 9 -7.48 -5.18 -1.66
N TRP A 10 -7.65 -5.80 -2.83
CA TRP A 10 -6.58 -6.54 -3.49
C TRP A 10 -6.36 -5.97 -4.89
N GLY A 11 -5.25 -6.37 -5.47
CA GLY A 11 -4.94 -6.02 -6.86
C GLY A 11 -3.45 -5.85 -7.07
N GLY A 12 -3.12 -5.32 -8.23
CA GLY A 12 -1.74 -5.07 -8.59
C GLY A 12 -1.35 -3.65 -8.24
N ASN A 13 -0.09 -3.31 -8.53
CA ASN A 13 0.49 -2.06 -8.07
C ASN A 13 -0.16 -0.83 -8.74
N GLN A 14 -0.67 -0.99 -9.95
CA GLN A 14 -1.37 0.15 -10.61
C GLN A 14 -2.67 0.46 -9.88
N ARG A 15 -3.42 -0.57 -9.52
CA ARG A 15 -4.61 -0.35 -8.72
C ARG A 15 -4.24 0.20 -7.35
N HIS A 16 -3.17 -0.30 -6.74
CA HIS A 16 -2.78 0.20 -5.43
C HIS A 16 -2.48 1.69 -5.45
N GLU A 17 -1.69 2.13 -6.42
CA GLU A 17 -1.35 3.55 -6.52
C GLU A 17 -2.61 4.41 -6.67
N ALA A 18 -3.49 3.97 -7.54
CA ALA A 18 -4.67 4.76 -7.86
C ALA A 18 -5.59 4.82 -6.67
N THR A 19 -5.70 3.70 -5.93
CA THR A 19 -6.56 3.68 -4.74
C THR A 19 -6.00 4.59 -3.63
N LEU A 20 -4.69 4.55 -3.45
CA LEU A 20 -4.00 5.49 -2.57
CA LEU A 20 -4.01 5.49 -2.56
C LEU A 20 -4.23 6.96 -2.99
N ALA A 21 -4.18 7.22 -4.31
CA ALA A 21 -4.44 8.57 -4.84
C ALA A 21 -5.85 9.01 -4.45
N ALA A 22 -6.81 8.10 -4.58
CA ALA A 22 -8.19 8.42 -4.20
C ALA A 22 -8.31 8.72 -2.71
N ILE A 23 -7.63 7.91 -1.90
CA ILE A 23 -7.62 8.11 -0.45
C ILE A 23 -7.02 9.46 -0.08
N ASN A 24 -5.90 9.80 -0.73
CA ASN A 24 -5.29 11.08 -0.45
C ASN A 24 -6.20 12.26 -0.82
N ALA A 25 -6.88 12.15 -1.95
CA ALA A 25 -7.83 13.20 -2.36
C ALA A 25 -8.98 13.27 -1.36
N PHE A 26 -9.45 12.12 -0.89
CA PHE A 26 -10.50 12.10 0.13
C PHE A 26 -10.06 12.81 1.40
N GLN A 27 -8.83 12.55 1.83
CA GLN A 27 -8.29 13.18 3.03
C GLN A 27 -8.14 14.68 2.90
N LYS A 28 -7.76 15.14 1.72
CA LYS A 28 -7.70 16.58 1.44
C LYS A 28 -9.06 17.24 1.60
N ALA A 29 -10.10 16.56 1.13
CA ALA A 29 -11.48 17.06 1.16
C ALA A 29 -12.09 16.90 2.55
N ASN A 30 -11.56 15.96 3.33
CA ASN A 30 -12.11 15.60 4.66
C ASN A 30 -10.98 15.47 5.65
N PRO A 31 -10.41 16.60 6.06
CA PRO A 31 -9.14 16.64 6.81
C PRO A 31 -9.22 16.13 8.25
N THR A 32 -10.41 15.80 8.74
CA THR A 32 -10.53 15.24 10.10
C THR A 32 -10.70 13.72 10.12
N ILE A 33 -10.65 13.11 8.93
CA ILE A 33 -10.82 11.66 8.85
C ILE A 33 -9.48 10.96 8.50
N THR A 34 -9.08 10.02 9.33
CA THR A 34 -7.88 9.21 9.13
C THR A 34 -8.30 7.96 8.37
N VAL A 35 -7.58 7.63 7.29
CA VAL A 35 -7.86 6.42 6.51
C VAL A 35 -6.63 5.51 6.57
N LYS A 36 -6.84 4.30 7.05
CA LYS A 36 -5.79 3.29 7.10
C LYS A 36 -5.97 2.31 5.99
N ALA A 37 -5.04 2.34 5.07
CA ALA A 37 -5.08 1.48 3.90
C ALA A 37 -4.49 0.12 4.26
N GLU A 38 -5.22 -0.91 3.87
CA GLU A 38 -4.86 -2.31 4.14
C GLU A 38 -5.06 -3.12 2.87
N TYR A 39 -4.11 -3.05 1.97
CA TYR A 39 -4.23 -3.79 0.74
C TYR A 39 -3.29 -4.94 0.71
N ALA A 40 -3.33 -5.61 -0.42
N ALA A 40 -3.44 -5.77 -0.30
CA ALA A 40 -2.78 -6.92 -0.50
CA ALA A 40 -2.91 -7.13 -0.22
C ALA A 40 -2.92 -7.47 -1.89
C ALA A 40 -3.36 -8.00 -1.35
N GLY A 41 -2.37 -8.65 -2.06
N GLY A 41 -2.39 -8.53 -2.05
CA GLY A 41 -2.60 -9.45 -3.24
CA GLY A 41 -2.63 -9.49 -3.12
C GLY A 41 -3.83 -10.31 -3.03
C GLY A 41 -3.87 -10.36 -2.98
N TRP A 42 -4.37 -10.75 -4.15
CA TRP A 42 -5.56 -11.59 -4.24
C TRP A 42 -5.41 -12.93 -3.54
N ASP A 43 -4.26 -13.56 -3.71
CA ASP A 43 -4.01 -14.83 -3.04
C ASP A 43 -4.07 -14.62 -1.55
N GLY A 44 -4.93 -15.34 -0.86
CA GLY A 44 -5.03 -15.16 0.59
C GLY A 44 -5.96 -14.07 1.10
N TYR A 45 -6.46 -13.19 0.23
CA TYR A 45 -7.33 -12.11 0.70
C TYR A 45 -8.63 -12.64 1.36
N LEU A 46 -9.30 -13.55 0.68
CA LEU A 46 -10.55 -14.10 1.21
C LEU A 46 -10.31 -14.83 2.54
N SER A 47 -9.27 -15.67 2.59
CA SER A 47 -9.02 -16.44 3.81
C SER A 47 -8.70 -15.47 4.98
N ARG A 48 -7.95 -14.40 4.71
CA ARG A 48 -7.65 -13.40 5.74
C ARG A 48 -8.91 -12.67 6.20
N LEU A 49 -9.72 -12.25 5.23
CA LEU A 49 -10.94 -11.53 5.53
C LEU A 49 -11.90 -12.37 6.34
N SER A 50 -12.04 -13.63 5.95
CA SER A 50 -12.95 -14.56 6.65
C SER A 50 -12.53 -14.70 8.13
N THR A 51 -11.24 -14.83 8.34
CA THR A 51 -10.70 -14.92 9.69
C THR A 51 -10.94 -13.62 10.48
N GLN A 52 -10.72 -12.47 9.85
CA GLN A 52 -11.02 -11.19 10.49
C GLN A 52 -12.47 -11.09 10.91
N ILE A 53 -13.37 -11.38 9.97
CA ILE A 53 -14.79 -11.26 10.25
C ILE A 53 -15.18 -12.16 11.44
N ALA A 54 -14.61 -13.36 11.47
CA ALA A 54 -14.92 -14.31 12.56
C ALA A 54 -14.58 -13.74 13.93
N GLY A 55 -13.57 -12.89 13.97
CA GLY A 55 -13.11 -12.22 15.19
C GLY A 55 -13.53 -10.78 15.41
N GLY A 56 -14.33 -10.22 14.49
CA GLY A 56 -14.72 -8.81 14.60
C GLY A 56 -13.60 -7.83 14.27
N GLN A 57 -12.60 -8.31 13.54
CA GLN A 57 -11.38 -7.51 13.28
C GLN A 57 -11.33 -6.92 11.85
N GLU A 58 -12.40 -7.10 11.08
CA GLU A 58 -12.39 -6.67 9.69
C GLU A 58 -12.36 -5.13 9.56
N PRO A 59 -11.84 -4.65 8.42
CA PRO A 59 -11.86 -3.22 8.18
C PRO A 59 -13.24 -2.64 8.00
N ASP A 60 -13.33 -1.33 8.16
CA ASP A 60 -14.61 -0.61 8.01
C ASP A 60 -15.19 -0.73 6.60
N VAL A 61 -14.29 -0.62 5.62
CA VAL A 61 -14.63 -0.76 4.20
C VAL A 61 -13.82 -1.91 3.61
N MET A 62 -14.52 -2.84 2.97
CA MET A 62 -13.86 -4.01 2.35
C MET A 62 -14.21 -4.09 0.88
N ARG A 63 -13.21 -4.31 0.04
CA ARG A 63 -13.50 -4.86 -1.30
C ARG A 63 -13.88 -6.33 -1.14
N ILE A 64 -14.97 -6.74 -1.77
CA ILE A 64 -15.40 -8.11 -1.75
C ILE A 64 -15.85 -8.53 -3.15
N ASP A 65 -15.72 -9.80 -3.44
CA ASP A 65 -16.32 -10.37 -4.64
C ASP A 65 -17.82 -10.63 -4.40
N TRP A 66 -18.61 -10.43 -5.45
CA TRP A 66 -20.06 -10.68 -5.39
C TRP A 66 -20.39 -12.12 -4.96
N ASN A 67 -19.60 -13.05 -5.44
CA ASN A 67 -19.84 -14.45 -5.15
C ASN A 67 -19.45 -14.87 -3.75
N TRP A 68 -18.98 -13.92 -2.95
CA TRP A 68 -18.74 -14.15 -1.51
C TRP A 68 -19.95 -13.81 -0.66
N LEU A 69 -20.97 -13.23 -1.26
CA LEU A 69 -22.16 -12.87 -0.49
C LEU A 69 -22.90 -14.08 0.12
N PRO A 70 -22.93 -15.23 -0.58
CA PRO A 70 -23.54 -16.39 0.14
C PRO A 70 -22.85 -16.74 1.46
N GLN A 71 -21.54 -16.78 1.45
CA GLN A 71 -20.75 -17.08 2.66
C GLN A 71 -20.99 -16.05 3.76
N PHE A 72 -20.85 -14.78 3.41
CA PHE A 72 -20.86 -13.73 4.42
C PHE A 72 -22.23 -13.17 4.80
N SER A 73 -23.18 -13.27 3.87
CA SER A 73 -24.49 -12.63 4.04
C SER A 73 -25.69 -13.57 4.02
N ARG A 74 -25.80 -14.46 3.04
CA ARG A 74 -26.92 -15.40 3.03
C ARG A 74 -26.82 -16.37 4.21
N ASN A 75 -25.59 -16.79 4.45
CA ASN A 75 -25.26 -17.79 5.47
C ASN A 75 -24.33 -17.30 6.56
N GLY A 76 -24.32 -15.99 6.73
CA GLY A 76 -23.51 -15.33 7.76
C GLY A 76 -24.24 -14.14 8.35
N ASP A 77 -23.49 -13.29 9.05
CA ASP A 77 -24.03 -12.16 9.78
C ASP A 77 -24.43 -11.01 8.87
N GLY A 78 -23.90 -10.99 7.65
CA GLY A 78 -24.14 -9.89 6.75
C GLY A 78 -23.27 -8.70 7.06
N PHE A 79 -23.34 -7.76 6.15
CA PHE A 79 -22.64 -6.50 6.23
C PHE A 79 -23.59 -5.39 6.69
N TYR A 80 -23.02 -4.22 6.94
CA TYR A 80 -23.84 -3.06 7.21
C TYR A 80 -24.78 -2.78 6.03
N ASP A 81 -26.05 -2.56 6.33
CA ASP A 81 -27.05 -2.34 5.28
C ASP A 81 -26.88 -0.95 4.65
N LEU A 82 -26.37 -0.95 3.42
CA LEU A 82 -26.06 0.31 2.73
C LEU A 82 -27.27 1.18 2.40
N ASN A 83 -28.48 0.59 2.42
CA ASN A 83 -29.68 1.41 2.30
C ASN A 83 -29.79 2.44 3.41
N LYS A 84 -29.15 2.18 4.56
CA LYS A 84 -29.09 3.15 5.66
C LYS A 84 -28.26 4.40 5.35
N GLN A 85 -27.46 4.35 4.29
CA GLN A 85 -26.65 5.48 3.85
C GLN A 85 -26.98 5.86 2.42
N LYS A 86 -28.25 5.67 2.05
CA LYS A 86 -28.71 5.97 0.69
C LYS A 86 -28.29 7.36 0.20
N ASP A 87 -28.45 8.37 1.04
CA ASP A 87 -28.18 9.76 0.62
C ASP A 87 -26.69 10.06 0.44
N ILE A 88 -25.89 9.60 1.40
CA ILE A 88 -24.44 9.78 1.33
C ILE A 88 -23.88 9.04 0.11
N LEU A 89 -24.34 7.82 -0.10
CA LEU A 89 -23.88 7.02 -1.24
C LEU A 89 -24.45 7.45 -2.60
N GLY A 90 -25.55 8.19 -2.59
CA GLY A 90 -26.19 8.53 -3.85
C GLY A 90 -26.65 7.30 -4.61
N LEU A 91 -27.34 6.39 -3.91
CA LEU A 91 -27.72 5.11 -4.51
C LEU A 91 -28.57 5.27 -5.77
N GLY A 92 -29.34 6.36 -5.85
CA GLY A 92 -30.16 6.69 -7.03
C GLY A 92 -29.38 6.90 -8.31
N ASP A 93 -28.08 7.15 -8.20
CA ASP A 93 -27.21 7.27 -9.38
C ASP A 93 -26.87 5.95 -10.06
N PHE A 94 -26.98 4.85 -9.30
CA PHE A 94 -26.52 3.54 -9.76
C PHE A 94 -27.63 2.78 -10.45
N PRO A 95 -27.27 1.97 -11.45
CA PRO A 95 -28.32 1.25 -12.15
C PRO A 95 -29.07 0.33 -11.17
N PRO A 96 -30.41 0.39 -11.17
CA PRO A 96 -31.13 -0.48 -10.23
C PRO A 96 -30.78 -1.95 -10.33
N ASN A 97 -30.58 -2.43 -11.55
CA ASN A 97 -30.19 -3.82 -11.75
C ASN A 97 -28.86 -4.15 -11.05
N ALA A 98 -27.93 -3.20 -11.04
CA ALA A 98 -26.64 -3.39 -10.39
C ALA A 98 -26.82 -3.54 -8.86
N LEU A 99 -27.63 -2.65 -8.28
CA LEU A 99 -27.90 -2.73 -6.84
C LEU A 99 -28.62 -4.01 -6.43
N LYS A 100 -29.54 -4.47 -7.27
CA LYS A 100 -30.29 -5.68 -6.98
C LYS A 100 -29.33 -6.88 -6.78
N THR A 101 -28.23 -6.93 -7.53
CA THR A 101 -27.27 -8.05 -7.47
C THR A 101 -26.69 -8.23 -6.07
N ALA A 102 -26.66 -7.16 -5.29
CA ALA A 102 -26.02 -7.18 -3.95
C ALA A 102 -27.01 -7.15 -2.79
N ASP A 103 -28.29 -7.27 -3.11
CA ASP A 103 -29.34 -7.32 -2.09
C ASP A 103 -29.41 -8.72 -1.51
N VAL A 104 -29.55 -8.81 -0.20
CA VAL A 104 -29.90 -10.05 0.48
C VAL A 104 -31.07 -9.72 1.41
N LYS A 105 -32.21 -10.31 1.10
CA LYS A 105 -33.44 -10.13 1.90
CA LYS A 105 -33.44 -10.13 1.90
C LYS A 105 -33.78 -8.68 2.19
N GLY A 106 -33.59 -7.83 1.18
CA GLY A 106 -33.94 -6.42 1.30
C GLY A 106 -32.84 -5.50 1.80
N LYS A 107 -31.74 -6.06 2.31
CA LYS A 107 -30.62 -5.28 2.84
C LYS A 107 -29.48 -5.27 1.83
N LEU A 108 -29.02 -4.07 1.49
CA LEU A 108 -27.97 -3.92 0.47
C LEU A 108 -26.60 -4.23 1.07
N GLN A 109 -25.97 -5.31 0.61
CA GLN A 109 -24.76 -5.83 1.25
C GLN A 109 -23.47 -5.16 0.79
N GLY A 110 -23.50 -4.56 -0.40
CA GLY A 110 -22.31 -3.99 -0.99
C GLY A 110 -22.69 -3.13 -2.17
N LEU A 111 -21.80 -2.22 -2.56
CA LEU A 111 -22.06 -1.31 -3.65
C LEU A 111 -21.16 -1.75 -4.84
N PRO A 112 -21.75 -2.17 -5.95
CA PRO A 112 -20.90 -2.53 -7.07
C PRO A 112 -19.99 -1.42 -7.53
N ILE A 113 -18.71 -1.75 -7.68
CA ILE A 113 -17.71 -0.78 -8.13
C ILE A 113 -17.81 -0.59 -9.65
N SER A 114 -18.00 -1.70 -10.33
CA SER A 114 -18.23 -1.78 -11.76
C SER A 114 -18.97 -3.08 -12.03
N MET A 115 -19.70 -3.12 -13.14
CA MET A 115 -20.22 -4.34 -13.69
C MET A 115 -19.20 -4.86 -14.67
N THR A 116 -19.19 -6.16 -14.89
CA THR A 116 -18.28 -6.79 -15.84
C THR A 116 -18.95 -8.00 -16.48
N SER A 117 -18.48 -8.34 -17.68
CA SER A 117 -19.00 -9.45 -18.46
C SER A 117 -17.86 -10.28 -18.95
N ARG A 118 -18.13 -11.58 -19.13
CA ARG A 118 -17.20 -12.46 -19.83
C ARG A 118 -17.24 -12.17 -21.33
N SER A 119 -16.08 -12.00 -21.96
CA SER A 119 -16.02 -11.84 -23.40
C SER A 119 -14.67 -12.34 -23.91
N MET A 120 -14.60 -12.62 -25.21
CA MET A 120 -13.36 -13.03 -25.82
CA MET A 120 -13.36 -13.05 -25.83
C MET A 120 -12.42 -11.87 -26.11
N ILE A 121 -11.16 -12.07 -25.76
CA ILE A 121 -10.06 -11.18 -26.09
C ILE A 121 -9.14 -12.04 -26.95
N TYR A 122 -8.83 -11.57 -28.16
CA TYR A 122 -8.02 -12.32 -29.10
C TYR A 122 -6.77 -11.59 -29.48
N ASN A 123 -5.74 -12.36 -29.79
CA ASN A 123 -4.47 -11.85 -30.32
C ASN A 123 -4.59 -11.80 -31.84
N LYS A 124 -4.82 -10.59 -32.33
CA LYS A 124 -5.09 -10.38 -33.76
C LYS A 124 -4.00 -10.96 -34.67
N THR A 125 -2.76 -10.74 -34.27
CA THR A 125 -1.61 -11.14 -35.08
C THR A 125 -1.63 -12.64 -35.33
N THR A 126 -1.83 -13.39 -34.26
CA THR A 126 -1.90 -14.84 -34.36
C THR A 126 -3.05 -15.37 -35.24
N TRP A 127 -4.26 -14.86 -35.03
CA TRP A 127 -5.41 -15.26 -35.84
C TRP A 127 -5.19 -14.95 -37.34
N ASP A 128 -4.64 -13.77 -37.61
CA ASP A 128 -4.28 -13.33 -38.98
C ASP A 128 -3.21 -14.26 -39.59
N ASN A 129 -2.20 -14.62 -38.80
CA ASN A 129 -1.16 -15.57 -39.26
C ASN A 129 -1.72 -16.97 -39.58
N ALA A 130 -2.67 -17.42 -38.77
CA ALA A 130 -3.40 -18.68 -39.05
C ALA A 130 -4.34 -18.61 -40.26
N GLY A 131 -4.74 -17.39 -40.64
CA GLY A 131 -5.73 -17.16 -41.70
C GLY A 131 -7.19 -17.45 -41.35
N VAL A 132 -7.49 -17.35 -40.05
CA VAL A 132 -8.81 -17.64 -39.54
C VAL A 132 -9.45 -16.36 -39.00
N ALA A 133 -10.68 -16.14 -39.43
CA ALA A 133 -11.50 -15.07 -38.89
C ALA A 133 -11.97 -15.40 -37.49
N TYR A 134 -12.19 -14.37 -36.68
CA TYR A 134 -12.72 -14.60 -35.33
C TYR A 134 -14.07 -15.30 -35.46
N PRO A 135 -14.32 -16.33 -34.65
CA PRO A 135 -15.53 -17.13 -34.82
C PRO A 135 -16.81 -16.46 -34.31
N LYS A 136 -17.87 -16.62 -35.06
CA LYS A 136 -19.20 -16.15 -34.67
C LYS A 136 -20.09 -17.26 -34.09
N THR A 137 -19.76 -18.53 -34.38
CA THR A 137 -20.51 -19.70 -33.88
C THR A 137 -19.59 -20.71 -33.25
N TRP A 138 -20.15 -21.61 -32.48
CA TRP A 138 -19.36 -22.62 -31.83
C TRP A 138 -18.66 -23.49 -32.90
N ASP A 139 -19.33 -23.73 -34.02
CA ASP A 139 -18.71 -24.46 -35.14
C ASP A 139 -17.44 -23.87 -35.62
N GLU A 140 -17.47 -22.56 -35.83
CA GLU A 140 -16.29 -21.86 -36.32
C GLU A 140 -15.20 -21.93 -35.28
N LEU A 141 -15.56 -21.89 -33.99
CA LEU A 141 -14.53 -21.98 -32.94
C LEU A 141 -13.82 -23.33 -33.04
N PHE A 142 -14.59 -24.42 -33.04
CA PHE A 142 -14.01 -25.77 -33.12
C PHE A 142 -13.19 -25.97 -34.38
N ALA A 143 -13.69 -25.41 -35.48
CA ALA A 143 -13.03 -25.56 -36.76
C ALA A 143 -11.69 -24.77 -36.84
N ALA A 144 -11.56 -23.70 -36.05
CA ALA A 144 -10.30 -22.92 -35.98
C ALA A 144 -9.11 -23.71 -35.42
N GLY A 145 -9.39 -24.60 -34.48
CA GLY A 145 -8.33 -25.37 -33.80
C GLY A 145 -7.39 -26.12 -34.74
N PRO A 146 -7.96 -27.00 -35.60
CA PRO A 146 -7.10 -27.78 -36.52
C PRO A 146 -6.34 -26.92 -37.48
N VAL A 147 -6.94 -25.79 -37.86
CA VAL A 147 -6.27 -24.87 -38.76
C VAL A 147 -5.05 -24.23 -38.08
N PHE A 148 -5.22 -23.76 -36.85
CA PHE A 148 -4.08 -23.24 -36.08
C PHE A 148 -2.94 -24.26 -36.03
N LYS A 149 -3.31 -25.48 -35.67
CA LYS A 149 -2.37 -26.59 -35.48
C LYS A 149 -1.60 -26.88 -36.78
N GLN A 150 -2.33 -27.00 -37.88
CA GLN A 150 -1.71 -27.34 -39.16
C GLN A 150 -0.87 -26.18 -39.69
N LYS A 151 -1.41 -24.98 -39.58
CA LYS A 151 -0.81 -23.81 -40.21
C LYS A 151 0.33 -23.20 -39.39
N LEU A 152 0.16 -23.14 -38.09
CA LEU A 152 1.12 -22.45 -37.23
C LEU A 152 1.95 -23.40 -36.41
N GLY A 153 1.40 -24.57 -36.13
CA GLY A 153 2.08 -25.58 -35.36
C GLY A 153 1.34 -25.94 -34.09
N ASP A 154 1.73 -27.07 -33.52
CA ASP A 154 1.13 -27.63 -32.31
C ASP A 154 1.17 -26.69 -31.07
N SER A 155 2.09 -25.73 -31.07
CA SER A 155 2.18 -24.76 -29.94
C SER A 155 1.07 -23.71 -29.93
N TYR A 156 0.40 -23.53 -31.08
CA TYR A 156 -0.57 -22.46 -31.28
C TYR A 156 -2.00 -22.87 -31.10
N TYR A 157 -2.74 -22.07 -30.34
CA TYR A 157 -4.14 -22.38 -29.99
C TYR A 157 -5.00 -21.13 -30.10
N PRO A 158 -6.24 -21.29 -30.58
CA PRO A 158 -7.22 -20.19 -30.58
C PRO A 158 -7.44 -19.53 -29.23
N LEU A 159 -7.38 -20.33 -28.18
CA LEU A 159 -7.85 -19.95 -26.85
C LEU A 159 -7.03 -20.62 -25.76
N GLY A 160 -6.68 -19.85 -24.72
CA GLY A 160 -6.05 -20.40 -23.52
C GLY A 160 -7.05 -20.60 -22.40
N VAL A 161 -6.49 -20.97 -21.26
CA VAL A 161 -7.23 -21.23 -20.05
C VAL A 161 -6.61 -20.28 -19.03
N ALA A 162 -7.41 -19.34 -18.54
CA ALA A 162 -6.93 -18.13 -17.88
C ALA A 162 -6.13 -18.37 -16.59
N GLN A 163 -6.46 -19.43 -15.88
CA GLN A 163 -5.76 -19.80 -14.64
C GLN A 163 -5.18 -21.23 -14.73
N GLY A 164 -5.01 -21.70 -15.97
CA GLY A 164 -4.22 -22.91 -16.24
C GLY A 164 -4.78 -24.15 -15.55
N ALA A 165 -3.91 -24.80 -14.78
CA ALA A 165 -4.26 -26.01 -14.03
C ALA A 165 -4.68 -25.71 -12.59
N SER A 166 -4.66 -24.44 -12.20
CA SER A 166 -5.07 -24.02 -10.86
C SER A 166 -6.59 -24.00 -10.70
N ASP A 167 -7.27 -23.56 -11.75
CA ASP A 167 -8.71 -23.33 -11.70
C ASP A 167 -9.17 -23.21 -13.14
N VAL A 168 -10.28 -23.85 -13.50
CA VAL A 168 -10.80 -23.82 -14.87
C VAL A 168 -12.24 -23.26 -14.87
N LEU A 169 -12.46 -22.26 -14.02
CA LEU A 169 -13.76 -21.60 -13.98
C LEU A 169 -14.10 -20.94 -15.32
N ASP A 170 -13.10 -20.38 -16.00
CA ASP A 170 -13.38 -19.72 -17.29
C ASP A 170 -14.06 -20.67 -18.28
N ILE A 171 -13.53 -21.88 -18.43
CA ILE A 171 -14.11 -22.81 -19.41
C ILE A 171 -15.42 -23.41 -18.88
N LEU A 172 -15.55 -23.58 -17.57
CA LEU A 172 -16.85 -23.94 -16.99
C LEU A 172 -17.91 -22.92 -17.38
N THR A 173 -17.52 -21.64 -17.30
CA THR A 173 -18.44 -20.55 -17.56
C THR A 173 -18.75 -20.48 -19.05
N LEU A 174 -17.74 -20.73 -19.87
CA LEU A 174 -17.93 -20.79 -21.33
C LEU A 174 -18.97 -21.89 -21.69
N GLY A 175 -18.80 -23.04 -21.06
CA GLY A 175 -19.72 -24.17 -21.19
C GLY A 175 -21.11 -23.78 -20.73
N ARG A 176 -21.19 -23.13 -19.57
CA ARG A 176 -22.47 -22.63 -19.04
C ARG A 176 -23.17 -21.71 -20.05
N SER A 177 -22.40 -20.84 -20.70
CA SER A 177 -22.95 -19.90 -21.67
C SER A 177 -23.51 -20.67 -22.88
N TYR A 178 -22.73 -21.63 -23.36
CA TYR A 178 -23.17 -22.54 -24.42
C TYR A 178 -24.50 -23.22 -24.07
N MET A 179 -24.56 -23.79 -22.88
CA MET A 179 -25.75 -24.52 -22.44
C MET A 179 -26.96 -23.61 -22.22
N ALA A 180 -26.70 -22.37 -21.83
CA ALA A 180 -27.79 -21.38 -21.69
C ALA A 180 -28.37 -21.05 -23.06
N GLN A 181 -27.50 -20.88 -24.04
CA GLN A 181 -27.91 -20.65 -25.43
C GLN A 181 -28.73 -21.81 -25.97
N LYS A 182 -28.26 -23.01 -25.67
CA LYS A 182 -28.87 -24.24 -26.21
C LYS A 182 -30.22 -24.59 -25.59
N TYR A 183 -30.26 -24.47 -24.27
CA TYR A 183 -31.38 -24.93 -23.47
C TYR A 183 -32.15 -23.85 -22.71
N GLY A 184 -31.58 -22.65 -22.58
CA GLY A 184 -32.26 -21.57 -21.85
C GLY A 184 -32.38 -21.83 -20.35
N ILE A 185 -31.48 -22.64 -19.80
CA ILE A 185 -31.43 -22.90 -18.37
C ILE A 185 -30.02 -22.64 -17.84
N ASP A 186 -29.92 -22.40 -16.53
CA ASP A 186 -28.66 -22.21 -15.82
C ASP A 186 -28.16 -23.55 -15.29
N MET A 187 -26.89 -23.57 -14.92
CA MET A 187 -26.22 -24.70 -14.28
C MET A 187 -26.70 -25.02 -12.86
N ILE A 188 -27.19 -24.00 -12.13
CA ILE A 188 -27.55 -24.15 -10.69
C ILE A 188 -29.06 -24.00 -10.49
N ASP A 189 -29.63 -24.90 -9.70
CA ASP A 189 -31.00 -24.77 -9.16
C ASP A 189 -30.90 -24.45 -7.67
N GLU A 190 -30.96 -23.17 -7.33
CA GLU A 190 -30.79 -22.78 -5.93
C GLU A 190 -31.88 -23.30 -4.99
N LYS A 191 -33.12 -23.34 -5.49
CA LYS A 191 -34.26 -23.88 -4.73
C LYS A 191 -34.04 -25.35 -4.33
N LYS A 192 -33.56 -26.14 -5.29
CA LYS A 192 -33.28 -27.57 -5.07
C LYS A 192 -31.93 -27.85 -4.42
N GLN A 193 -31.10 -26.79 -4.29
CA GLN A 193 -29.74 -26.86 -3.75
C GLN A 193 -28.92 -27.88 -4.52
N SER A 194 -29.00 -27.76 -5.84
N SER A 194 -29.02 -27.80 -5.84
CA SER A 194 -28.50 -28.78 -6.75
CA SER A 194 -28.49 -28.83 -6.73
C SER A 194 -28.10 -28.24 -8.11
C SER A 194 -28.11 -28.27 -8.08
N ILE A 195 -27.35 -29.07 -8.82
CA ILE A 195 -27.09 -28.85 -10.22
C ILE A 195 -28.43 -28.96 -10.98
N ALA A 196 -28.70 -27.99 -11.84
CA ALA A 196 -29.93 -27.93 -12.64
C ALA A 196 -29.88 -28.83 -13.89
N TYR A 197 -28.67 -29.04 -14.39
CA TYR A 197 -28.46 -29.94 -15.54
C TYR A 197 -28.84 -31.37 -15.15
N SER A 198 -29.52 -32.05 -16.07
CA SER A 198 -29.72 -33.48 -15.96
C SER A 198 -28.39 -34.24 -16.05
N ARG A 199 -28.43 -35.52 -15.72
CA ARG A 199 -27.25 -36.37 -15.87
C ARG A 199 -26.70 -36.24 -17.29
N ASP A 200 -27.60 -36.31 -18.28
CA ASP A 200 -27.22 -36.17 -19.70
C ASP A 200 -26.60 -34.81 -20.05
N GLN A 201 -27.14 -33.76 -19.48
CA GLN A 201 -26.60 -32.42 -19.71
C GLN A 201 -25.21 -32.18 -19.10
N VAL A 202 -24.97 -32.75 -17.94
CA VAL A 202 -23.62 -32.73 -17.32
C VAL A 202 -22.64 -33.49 -18.23
N ARG A 203 -23.06 -34.63 -18.77
CA ARG A 203 -22.22 -35.30 -19.80
C ARG A 203 -21.88 -34.46 -21.02
N GLU A 204 -22.89 -33.74 -21.49
CA GLU A 204 -22.76 -32.84 -22.63
C GLU A 204 -21.78 -31.71 -22.30
N LEU A 205 -21.79 -31.26 -21.04
CA LEU A 205 -20.90 -30.19 -20.57
C LEU A 205 -19.45 -30.67 -20.60
N PHE A 206 -19.21 -31.85 -20.04
CA PHE A 206 -17.88 -32.46 -20.13
C PHE A 206 -17.50 -32.80 -21.58
N GLY A 207 -18.47 -33.21 -22.38
CA GLY A 207 -18.21 -33.44 -23.81
C GLY A 207 -17.74 -32.19 -24.55
N PHE A 208 -18.30 -31.04 -24.16
CA PHE A 208 -17.95 -29.73 -24.72
C PHE A 208 -16.47 -29.41 -24.43
N TYR A 209 -16.05 -29.65 -23.18
CA TYR A 209 -14.63 -29.55 -22.82
C TYR A 209 -13.73 -30.48 -23.67
N LYS A 210 -14.14 -31.74 -23.76
CA LYS A 210 -13.36 -32.75 -24.44
C LYS A 210 -13.22 -32.33 -25.90
N LYS A 211 -14.29 -31.78 -26.47
CA LYS A 211 -14.24 -31.28 -27.85
C LYS A 211 -13.28 -30.11 -28.03
N LEU A 212 -13.25 -29.20 -27.08
CA LEU A 212 -12.31 -28.08 -27.16
C LEU A 212 -10.86 -28.58 -27.21
N VAL A 213 -10.57 -29.56 -26.37
CA VAL A 213 -9.25 -30.16 -26.32
C VAL A 213 -8.94 -30.98 -27.59
N ASP A 214 -9.83 -31.91 -27.92
CA ASP A 214 -9.63 -32.80 -29.08
C ASP A 214 -9.49 -32.01 -30.39
N SER A 215 -10.21 -30.88 -30.49
CA SER A 215 -10.16 -29.97 -31.66
C SER A 215 -8.98 -28.98 -31.69
N HIS A 216 -8.10 -29.02 -30.69
CA HIS A 216 -6.98 -28.08 -30.58
C HIS A 216 -7.45 -26.62 -30.44
N VAL A 217 -8.61 -26.42 -29.81
CA VAL A 217 -9.05 -25.05 -29.52
C VAL A 217 -8.32 -24.50 -28.30
N ILE A 218 -8.27 -25.32 -27.26
CA ILE A 218 -7.53 -25.01 -26.04
C ILE A 218 -6.51 -26.09 -25.75
N PRO A 219 -5.42 -25.76 -25.05
CA PRO A 219 -4.54 -26.82 -24.56
C PRO A 219 -5.16 -27.58 -23.41
N ASP A 220 -4.67 -28.79 -23.19
CA ASP A 220 -5.18 -29.63 -22.11
C ASP A 220 -4.52 -29.31 -20.77
N GLN A 221 -4.92 -30.04 -19.74
CA GLN A 221 -4.41 -29.73 -18.40
C GLN A 221 -2.96 -30.21 -18.20
N ARG A 222 -2.50 -31.17 -19.02
CA ARG A 222 -1.09 -31.57 -19.02
C ARG A 222 -0.21 -30.39 -19.47
N TYR A 223 -0.67 -29.70 -20.50
CA TYR A 223 0.03 -28.51 -21.01
C TYR A 223 0.14 -27.47 -19.90
N PHE A 224 -0.97 -27.13 -19.28
CA PHE A 224 -0.95 -26.07 -18.26
C PHE A 224 -0.13 -26.48 -17.04
N SER A 225 -0.20 -27.75 -16.68
CA SER A 225 0.56 -28.24 -15.54
C SER A 225 2.05 -28.09 -15.74
N SER A 226 2.49 -28.11 -17.01
CA SER A 226 3.92 -27.97 -17.34
C SER A 226 4.46 -26.61 -16.95
N PHE A 227 3.58 -25.64 -16.74
CA PHE A 227 3.99 -24.29 -16.33
C PHE A 227 3.98 -24.03 -14.84
N GLY A 228 3.57 -25.04 -14.06
CA GLY A 228 3.56 -24.95 -12.60
C GLY A 228 2.51 -23.96 -12.09
N ARG A 229 2.92 -23.15 -11.12
CA ARG A 229 2.02 -22.20 -10.43
C ARG A 229 2.07 -20.77 -10.98
N THR A 230 2.87 -20.60 -12.03
CA THR A 230 3.03 -19.31 -12.68
C THR A 230 1.72 -18.75 -13.21
N ASN A 231 1.49 -17.46 -12.97
CA ASN A 231 0.33 -16.77 -13.49
C ASN A 231 0.30 -16.94 -15.01
N VAL A 232 -0.84 -17.32 -15.55
CA VAL A 232 -0.91 -17.52 -17.01
C VAL A 232 -0.65 -16.21 -17.76
N TYR A 233 -1.02 -15.08 -17.15
CA TYR A 233 -0.74 -13.78 -17.77
C TYR A 233 0.76 -13.43 -17.76
N GLU A 234 1.58 -14.31 -17.20
CA GLU A 234 3.05 -14.20 -17.20
C GLU A 234 3.76 -15.32 -17.98
N ILE A 235 3.05 -16.30 -18.52
CA ILE A 235 3.76 -17.39 -19.24
C ILE A 235 4.05 -17.01 -20.68
N ARG A 236 5.12 -17.57 -21.20
CA ARG A 236 5.63 -17.18 -22.50
C ARG A 236 4.59 -17.41 -23.61
N PRO A 237 3.86 -18.55 -23.58
CA PRO A 237 2.88 -18.70 -24.66
C PRO A 237 1.80 -17.63 -24.73
N TRP A 238 1.44 -17.01 -23.62
CA TRP A 238 0.50 -15.85 -23.67
C TRP A 238 1.21 -14.61 -24.20
N ILE A 239 2.35 -14.32 -23.59
CA ILE A 239 3.09 -13.12 -23.92
C ILE A 239 3.48 -13.16 -25.39
N ASN A 240 3.88 -14.32 -25.90
CA ASN A 240 4.33 -14.34 -27.30
C ASN A 240 3.30 -14.76 -28.35
N GLY A 241 2.02 -14.83 -27.97
CA GLY A 241 0.94 -15.02 -28.93
C GLY A 241 0.64 -16.43 -29.35
N GLU A 242 1.24 -17.42 -28.70
CA GLU A 242 0.91 -18.83 -28.98
C GLU A 242 -0.51 -19.18 -28.53
N LEU A 243 -0.88 -18.68 -27.35
CA LEU A 243 -2.27 -18.74 -26.89
C LEU A 243 -2.95 -17.47 -27.36
N ALA A 244 -3.86 -17.62 -28.30
CA ALA A 244 -4.34 -16.50 -29.10
C ALA A 244 -5.68 -15.91 -28.63
N GLY A 245 -6.11 -16.30 -27.45
CA GLY A 245 -7.38 -15.83 -26.93
C GLY A 245 -7.49 -16.12 -25.46
N MET A 246 -8.33 -15.35 -24.79
CA MET A 246 -8.79 -15.65 -23.44
C MET A 246 -10.24 -15.22 -23.29
N TYR A 247 -10.99 -15.98 -22.50
CA TYR A 247 -12.38 -15.67 -22.16
C TYR A 247 -12.38 -15.06 -20.78
N LEU A 248 -12.26 -13.74 -20.73
CA LEU A 248 -12.01 -13.02 -19.48
C LEU A 248 -13.20 -12.21 -19.06
N TRP A 249 -13.34 -11.98 -17.74
CA TRP A 249 -14.14 -10.85 -17.29
C TRP A 249 -13.48 -9.59 -17.87
N ASP A 250 -14.25 -8.62 -18.35
CA ASP A 250 -13.59 -7.41 -18.89
C ASP A 250 -12.77 -6.66 -17.82
N SER A 251 -13.12 -6.88 -16.54
CA SER A 251 -12.38 -6.32 -15.41
C SER A 251 -10.97 -6.93 -15.23
N ALA A 252 -10.68 -8.00 -15.96
CA ALA A 252 -9.36 -8.65 -15.94
C ALA A 252 -8.48 -8.28 -17.13
N ILE A 253 -9.04 -7.54 -18.08
CA ILE A 253 -8.29 -7.20 -19.29
C ILE A 253 -6.97 -6.48 -18.98
N TYR A 254 -6.99 -5.53 -18.05
CA TYR A 254 -5.76 -4.77 -17.72
C TYR A 254 -4.68 -5.73 -17.21
N THR A 255 -5.09 -6.65 -16.33
CA THR A 255 -4.16 -7.65 -15.81
C THR A 255 -3.54 -8.50 -16.90
N TYR A 256 -4.37 -9.02 -17.82
CA TYR A 256 -3.86 -9.85 -18.92
C TYR A 256 -3.08 -9.09 -19.97
N SER A 257 -3.33 -7.78 -20.05
CA SER A 257 -2.61 -6.91 -20.95
C SER A 257 -1.24 -6.50 -20.41
N SER A 258 -1.07 -6.65 -19.09
CA SER A 258 0.00 -5.96 -18.33
C SER A 258 1.41 -6.36 -18.78
N ASN A 259 1.59 -7.63 -19.15
CA ASN A 259 2.92 -8.13 -19.56
C ASN A 259 3.06 -8.39 -21.08
N MET A 260 2.09 -7.95 -21.88
CA MET A 260 2.17 -8.14 -23.35
C MET A 260 3.25 -7.22 -23.96
N PRO A 261 3.96 -7.67 -25.02
CA PRO A 261 4.91 -6.76 -25.69
C PRO A 261 4.20 -5.54 -26.26
N LYS A 262 4.93 -4.44 -26.39
CA LYS A 262 4.39 -3.14 -26.86
C LYS A 262 3.65 -3.22 -28.21
N ASP A 263 4.13 -4.06 -29.12
CA ASP A 263 3.61 -4.20 -30.48
C ASP A 263 2.51 -5.26 -30.60
N ALA A 264 2.14 -5.88 -29.48
CA ALA A 264 1.06 -6.88 -29.51
C ALA A 264 -0.29 -6.16 -29.70
N VAL A 265 -1.20 -6.85 -30.40
CA VAL A 265 -2.54 -6.32 -30.64
C VAL A 265 -3.58 -7.31 -30.12
N LEU A 266 -4.23 -6.93 -29.03
CA LEU A 266 -5.36 -7.64 -28.46
C LEU A 266 -6.66 -6.91 -28.85
N GLU A 267 -7.68 -7.66 -29.23
CA GLU A 267 -8.97 -7.13 -29.64
C GLU A 267 -10.15 -7.88 -29.02
N THR A 268 -11.23 -7.13 -28.83
CA THR A 268 -12.50 -7.71 -28.43
C THR A 268 -13.08 -8.54 -29.59
N GLY A 269 -13.52 -9.75 -29.29
CA GLY A 269 -14.02 -10.70 -30.28
C GLY A 269 -15.52 -10.93 -30.22
N PRO A 270 -16.12 -11.46 -31.29
CA PRO A 270 -17.55 -11.73 -31.30
C PRO A 270 -18.03 -12.61 -30.16
N PHE A 271 -19.27 -12.37 -29.76
CA PHE A 271 -19.94 -13.20 -28.79
C PHE A 271 -20.45 -14.47 -29.48
N ILE A 272 -19.73 -15.55 -29.24
CA ILE A 272 -19.99 -16.81 -29.93
C ILE A 272 -21.38 -17.32 -29.55
N THR A 273 -22.17 -17.64 -30.56
CA THR A 273 -23.57 -18.03 -30.33
C THR A 273 -24.00 -19.18 -31.23
N ILE A 274 -24.84 -20.04 -30.67
CA ILE A 274 -25.54 -21.10 -31.44
C ILE A 274 -26.53 -20.41 -32.37
N PRO A 275 -26.50 -20.75 -33.67
CA PRO A 275 -27.53 -20.20 -34.54
C PRO A 275 -28.91 -20.55 -33.98
N GLY A 276 -29.79 -19.56 -33.88
CA GLY A 276 -31.15 -19.78 -33.34
C GLY A 276 -31.20 -20.01 -31.85
N ALA A 277 -30.19 -19.49 -31.16
CA ALA A 277 -30.10 -19.65 -29.72
C ALA A 277 -31.34 -19.14 -29.02
N LYS A 278 -31.63 -19.76 -27.90
CA LYS A 278 -32.81 -19.42 -27.08
C LYS A 278 -32.54 -18.24 -26.16
N ASP A 279 -31.27 -18.05 -25.89
CA ASP A 279 -30.79 -17.02 -24.97
C ASP A 279 -29.40 -16.60 -25.44
N SER A 280 -29.01 -15.38 -25.15
CA SER A 280 -27.69 -14.90 -25.54
C SER A 280 -26.57 -15.58 -24.75
N GLY A 281 -26.88 -16.01 -23.54
CA GLY A 281 -25.85 -16.58 -22.67
C GLY A 281 -24.85 -15.53 -22.17
N LEU A 282 -25.17 -14.25 -22.35
CA LEU A 282 -24.32 -13.16 -21.87
C LEU A 282 -24.19 -13.25 -20.37
N THR A 283 -22.95 -13.23 -19.92
CA THR A 283 -22.62 -13.57 -18.53
C THR A 283 -21.98 -12.36 -17.86
N SER A 284 -22.71 -11.80 -16.91
CA SER A 284 -22.31 -10.57 -16.23
C SER A 284 -22.51 -10.65 -14.73
N LYS A 285 -21.69 -9.86 -14.02
CA LYS A 285 -21.80 -9.73 -12.56
C LYS A 285 -21.03 -8.52 -12.11
N PRO A 286 -21.21 -8.11 -10.86
CA PRO A 286 -20.31 -7.06 -10.35
C PRO A 286 -18.88 -7.53 -10.37
N SER A 287 -17.95 -6.67 -10.79
CA SER A 287 -16.54 -7.06 -10.76
C SER A 287 -16.03 -7.20 -9.32
N SER A 288 -16.63 -6.41 -8.44
N SER A 288 -16.62 -6.38 -8.45
CA SER A 288 -16.35 -6.36 -7.01
CA SER A 288 -16.36 -6.34 -7.03
C SER A 288 -17.31 -5.35 -6.42
C SER A 288 -17.32 -5.35 -6.42
N LEU A 289 -17.41 -5.38 -5.09
CA LEU A 289 -18.28 -4.50 -4.31
C LEU A 289 -17.44 -3.86 -3.24
N PHE A 290 -17.86 -2.70 -2.76
CA PHE A 290 -17.41 -2.21 -1.46
C PHE A 290 -18.51 -2.44 -0.45
N ALA A 291 -18.14 -3.08 0.67
CA ALA A 291 -19.03 -3.35 1.80
C ALA A 291 -18.51 -2.63 3.04
N ILE A 292 -19.43 -2.27 3.91
CA ILE A 292 -19.12 -1.68 5.22
C ILE A 292 -19.30 -2.76 6.32
N SER A 293 -18.36 -2.77 7.26
N SER A 293 -18.36 -2.79 7.26
CA SER A 293 -18.40 -3.72 8.38
CA SER A 293 -18.40 -3.75 8.38
C SER A 293 -19.69 -3.57 9.16
C SER A 293 -19.66 -3.58 9.18
N LYS A 294 -20.28 -4.71 9.50
CA LYS A 294 -21.57 -4.74 10.17
C LYS A 294 -21.51 -3.88 11.42
N ASN A 295 -20.39 -3.95 12.15
CA ASN A 295 -20.24 -3.23 13.41
C ASN A 295 -19.22 -2.09 13.38
N SER A 296 -18.97 -1.53 12.20
CA SER A 296 -18.15 -0.32 12.12
C SER A 296 -18.66 0.76 13.08
N LYS A 297 -17.74 1.48 13.72
CA LYS A 297 -18.08 2.62 14.58
C LYS A 297 -18.36 3.89 13.78
N HIS A 298 -18.03 3.84 12.48
CA HIS A 298 -18.08 5.03 11.64
C HIS A 298 -18.68 4.72 10.25
N PRO A 299 -19.90 4.14 10.21
CA PRO A 299 -20.46 3.79 8.91
C PRO A 299 -20.72 4.98 8.00
N LYS A 300 -21.05 6.12 8.56
CA LYS A 300 -21.23 7.30 7.76
C LYS A 300 -19.93 7.70 7.02
N GLU A 301 -18.83 7.77 7.75
CA GLU A 301 -17.52 8.12 7.18
C GLU A 301 -17.05 7.06 6.18
N ALA A 302 -17.31 5.80 6.49
CA ALA A 302 -17.04 4.72 5.55
C ALA A 302 -17.81 4.94 4.23
N ALA A 303 -19.09 5.24 4.33
CA ALA A 303 -19.91 5.55 3.17
C ALA A 303 -19.40 6.79 2.42
N MET A 304 -18.97 7.80 3.17
CA MET A 304 -18.38 9.00 2.54
C MET A 304 -17.15 8.64 1.69
N LEU A 305 -16.30 7.75 2.21
CA LEU A 305 -15.12 7.33 1.44
C LEU A 305 -15.54 6.59 0.17
N MET A 306 -16.52 5.71 0.31
CA MET A 306 -17.03 4.95 -0.84
C MET A 306 -17.62 5.89 -1.90
N ASN A 307 -18.45 6.83 -1.46
CA ASN A 307 -19.02 7.79 -2.40
C ASN A 307 -17.93 8.61 -3.08
N PHE A 308 -16.91 8.99 -2.32
CA PHE A 308 -15.83 9.79 -2.89
C PHE A 308 -15.15 9.04 -4.03
N MET A 309 -14.86 7.76 -3.78
CA MET A 309 -14.21 6.91 -4.78
CA MET A 309 -14.21 6.89 -4.77
C MET A 309 -15.07 6.65 -6.05
N LEU A 310 -16.35 6.44 -5.85
CA LEU A 310 -17.24 5.98 -6.93
C LEU A 310 -18.00 7.07 -7.67
N SER A 311 -18.14 8.23 -7.04
CA SER A 311 -18.99 9.30 -7.57
C SER A 311 -18.35 10.67 -7.60
N ASN A 312 -17.48 10.99 -6.65
CA ASN A 312 -16.87 12.33 -6.61
C ASN A 312 -15.86 12.43 -7.75
N PRO A 313 -15.90 13.51 -8.56
CA PRO A 313 -14.97 13.64 -9.69
C PRO A 313 -13.49 13.40 -9.33
N GLU A 314 -13.07 13.87 -8.15
CA GLU A 314 -11.66 13.72 -7.76
C GLU A 314 -11.31 12.24 -7.49
N GLY A 315 -12.23 11.52 -6.87
CA GLY A 315 -11.99 10.09 -6.63
C GLY A 315 -12.09 9.28 -7.90
N VAL A 316 -13.07 9.63 -8.72
CA VAL A 316 -13.26 8.98 -9.99
C VAL A 316 -12.02 9.15 -10.89
N LYS A 317 -11.50 10.36 -10.96
CA LYS A 317 -10.31 10.60 -11.78
C LYS A 317 -9.10 9.85 -11.22
N ALA A 318 -9.00 9.78 -9.89
CA ALA A 318 -7.87 9.08 -9.29
C ALA A 318 -7.88 7.60 -9.64
N LEU A 319 -9.05 6.98 -9.54
CA LEU A 319 -9.18 5.55 -9.79
C LEU A 319 -9.17 5.17 -11.25
N GLY A 320 -9.62 6.09 -12.10
CA GLY A 320 -9.73 5.81 -13.54
C GLY A 320 -10.39 4.48 -13.79
N LEU A 321 -9.78 3.69 -14.65
CA LEU A 321 -10.33 2.39 -15.04
C LEU A 321 -9.68 1.22 -14.28
N GLN A 322 -9.02 1.49 -13.16
CA GLN A 322 -8.31 0.45 -12.43
C GLN A 322 -9.19 -0.60 -11.76
N ASN A 323 -10.48 -0.29 -11.61
CA ASN A 323 -11.46 -1.24 -11.11
C ASN A 323 -12.52 -1.58 -12.17
N GLY A 324 -12.21 -1.31 -13.43
CA GLY A 324 -13.15 -1.53 -14.51
C GLY A 324 -13.96 -0.29 -14.85
N MET A 325 -14.95 -0.48 -15.70
CA MET A 325 -15.79 0.64 -16.13
C MET A 325 -16.76 1.03 -15.00
N PRO A 326 -16.68 2.27 -14.49
CA PRO A 326 -17.46 2.62 -13.29
C PRO A 326 -18.93 2.30 -13.37
N ALA A 327 -19.45 1.74 -12.29
CA ALA A 327 -20.87 1.44 -12.20
C ALA A 327 -21.74 2.69 -12.29
N ASN A 328 -21.27 3.80 -11.74
CA ASN A 328 -22.01 5.06 -11.79
C ASN A 328 -21.88 5.65 -13.19
N PRO A 329 -23.01 5.81 -13.95
CA PRO A 329 -22.86 6.33 -15.31
C PRO A 329 -22.24 7.74 -15.35
N LYS A 330 -22.43 8.55 -14.32
CA LYS A 330 -21.83 9.89 -14.30
C LYS A 330 -20.32 9.80 -14.23
N ALA A 331 -19.83 8.78 -13.53
CA ALA A 331 -18.39 8.53 -13.45
C ALA A 331 -17.84 8.09 -14.79
N GLN A 332 -18.58 7.22 -15.49
CA GLN A 332 -18.16 6.87 -16.84
C GLN A 332 -18.13 8.10 -17.73
N LYS A 333 -19.14 8.96 -17.64
CA LYS A 333 -19.21 10.13 -18.53
C LYS A 333 -17.99 11.01 -18.28
N LEU A 334 -17.63 11.21 -17.02
CA LEU A 334 -16.43 12.01 -16.69
C LEU A 334 -15.18 11.43 -17.32
N LEU A 335 -15.00 10.14 -17.17
CA LEU A 335 -13.81 9.49 -17.73
C LEU A 335 -13.78 9.58 -19.27
N GLU A 336 -14.94 9.51 -19.90
N GLU A 336 -14.95 9.48 -19.90
CA GLU A 336 -15.00 9.72 -21.35
CA GLU A 336 -15.08 9.70 -21.36
C GLU A 336 -14.66 11.15 -21.72
C GLU A 336 -14.69 11.13 -21.73
N ASP A 337 -15.22 12.10 -20.97
CA ASP A 337 -14.99 13.52 -21.26
C ASP A 337 -13.51 13.91 -21.17
N ILE A 338 -12.76 13.29 -20.26
CA ILE A 338 -11.34 13.56 -20.08
C ILE A 338 -10.44 12.60 -20.89
N GLY A 339 -11.06 11.72 -21.67
CA GLY A 339 -10.38 10.84 -22.61
C GLY A 339 -9.81 9.54 -22.05
N VAL A 340 -10.09 9.24 -20.78
CA VAL A 340 -9.60 8.00 -20.19
C VAL A 340 -10.35 6.82 -20.77
N ILE A 341 -11.66 6.97 -20.89
CA ILE A 341 -12.48 6.09 -21.71
C ILE A 341 -12.39 6.66 -23.12
N ASN A 342 -11.98 5.82 -24.05
CA ASN A 342 -11.81 6.21 -25.46
C ASN A 342 -11.89 4.97 -26.35
N PRO A 343 -12.10 5.14 -27.67
CA PRO A 343 -12.31 3.97 -28.54
C PRO A 343 -11.08 3.11 -28.80
N GLY A 344 -9.90 3.57 -28.33
CA GLY A 344 -8.66 2.80 -28.42
C GLY A 344 -8.43 1.87 -27.23
N ASN A 345 -9.31 1.98 -26.24
CA ASN A 345 -9.12 1.30 -24.96
C ASN A 345 -9.83 -0.05 -24.99
N LEU A 346 -9.06 -1.10 -24.76
CA LEU A 346 -9.58 -2.47 -24.92
C LEU A 346 -10.71 -2.79 -23.91
N LEU A 347 -10.54 -2.34 -22.67
CA LEU A 347 -11.59 -2.52 -21.67
C LEU A 347 -12.90 -1.82 -22.11
N ALA A 348 -12.79 -0.57 -22.57
CA ALA A 348 -13.95 0.18 -23.00
C ALA A 348 -14.61 -0.55 -24.16
N ASN A 349 -13.79 -1.04 -25.07
CA ASN A 349 -14.32 -1.73 -26.25
C ASN A 349 -15.04 -3.04 -25.88
N ALA A 350 -14.42 -3.82 -25.00
CA ALA A 350 -15.05 -5.06 -24.52
C ALA A 350 -16.34 -4.81 -23.74
N TYR A 351 -16.32 -3.79 -22.89
CA TYR A 351 -17.50 -3.44 -22.09
C TYR A 351 -18.65 -2.95 -22.99
N ARG A 352 -18.33 -2.08 -23.94
CA ARG A 352 -19.32 -1.55 -24.89
C ARG A 352 -19.88 -2.66 -25.76
N ALA A 353 -19.04 -3.63 -26.15
CA ALA A 353 -19.51 -4.78 -26.94
C ALA A 353 -20.50 -5.62 -26.13
N ALA A 354 -20.16 -5.89 -24.87
CA ALA A 354 -21.07 -6.63 -24.00
C ALA A 354 -22.40 -5.89 -23.83
N ALA A 355 -22.33 -4.57 -23.69
CA ALA A 355 -23.53 -3.75 -23.51
C ALA A 355 -24.46 -3.80 -24.72
N ALA A 356 -23.90 -4.06 -25.89
CA ALA A 356 -24.67 -4.17 -27.15
C ALA A 356 -25.34 -5.53 -27.36
N GLN A 357 -24.98 -6.51 -26.55
CA GLN A 357 -25.53 -7.86 -26.69
C GLN A 357 -26.94 -7.94 -26.12
N PRO A 358 -27.75 -8.88 -26.61
CA PRO A 358 -29.05 -9.06 -25.99
C PRO A 358 -28.90 -9.51 -24.56
N GLU A 359 -29.66 -8.86 -23.68
CA GLU A 359 -29.72 -9.27 -22.28
C GLU A 359 -30.08 -10.74 -22.15
N SER A 360 -29.39 -11.45 -21.27
CA SER A 360 -29.74 -12.85 -20.96
C SER A 360 -30.94 -12.87 -20.04
N LYS A 361 -31.75 -13.91 -20.19
CA LYS A 361 -32.88 -14.19 -19.31
C LYS A 361 -32.58 -15.33 -18.36
N VAL A 362 -31.32 -15.77 -18.40
CA VAL A 362 -30.91 -16.92 -17.62
C VAL A 362 -29.95 -16.40 -16.54
N ALA A 363 -30.39 -16.48 -15.28
CA ALA A 363 -29.63 -15.96 -14.15
C ALA A 363 -28.28 -16.62 -13.99
N VAL A 364 -27.31 -15.83 -13.54
CA VAL A 364 -25.99 -16.30 -13.14
C VAL A 364 -26.05 -16.48 -11.62
N SER A 365 -25.73 -17.68 -11.15
CA SER A 365 -25.74 -18.00 -9.73
C SER A 365 -24.37 -17.77 -9.14
N PRO A 366 -24.30 -17.13 -7.97
CA PRO A 366 -22.98 -17.02 -7.36
C PRO A 366 -22.37 -18.39 -7.03
N PHE A 367 -23.23 -19.41 -6.92
CA PHE A 367 -22.74 -20.73 -6.55
C PHE A 367 -21.95 -21.43 -7.64
N MET A 368 -22.11 -20.98 -8.88
CA MET A 368 -21.28 -21.49 -9.98
CA MET A 368 -21.30 -21.44 -10.03
C MET A 368 -19.79 -21.20 -9.74
N GLU A 369 -19.51 -20.15 -8.97
N GLU A 369 -19.51 -20.16 -8.96
CA GLU A 369 -18.13 -19.81 -8.60
CA GLU A 369 -18.12 -19.82 -8.60
C GLU A 369 -17.69 -20.34 -7.22
C GLU A 369 -17.69 -20.33 -7.21
N ASN A 370 -18.49 -21.23 -6.62
CA ASN A 370 -18.11 -21.84 -5.34
C ASN A 370 -16.73 -22.50 -5.52
N GLN A 371 -15.81 -22.25 -4.60
CA GLN A 371 -14.42 -22.70 -4.83
C GLN A 371 -14.33 -24.24 -4.83
N GLU A 372 -15.06 -24.92 -3.93
CA GLU A 372 -15.09 -26.39 -3.95
C GLU A 372 -15.63 -26.93 -5.26
N LEU A 373 -16.70 -26.32 -5.74
CA LEU A 373 -17.30 -26.74 -7.02
C LEU A 373 -16.28 -26.57 -8.16
N VAL A 374 -15.66 -25.40 -8.21
CA VAL A 374 -14.70 -25.11 -9.27
C VAL A 374 -13.49 -26.06 -9.20
N GLN A 375 -13.05 -26.38 -7.99
CA GLN A 375 -11.96 -27.37 -7.83
C GLN A 375 -12.36 -28.79 -8.22
N LEU A 376 -13.62 -29.15 -7.95
CA LEU A 376 -14.13 -30.44 -8.38
C LEU A 376 -14.16 -30.55 -9.91
N TRP A 377 -14.66 -29.50 -10.55
CA TRP A 377 -14.60 -29.34 -12.01
C TRP A 377 -13.18 -29.48 -12.53
N THR A 378 -12.28 -28.73 -11.93
CA THR A 378 -10.88 -28.66 -12.35
C THR A 378 -10.19 -30.03 -12.26
N THR A 379 -10.37 -30.68 -11.12
CA THR A 379 -9.83 -32.04 -10.91
C THR A 379 -10.49 -33.06 -11.85
N SER A 380 -11.77 -32.87 -12.15
CA SER A 380 -12.46 -33.75 -13.11
C SER A 380 -11.84 -33.62 -14.49
N LEU A 381 -11.57 -32.38 -14.92
CA LEU A 381 -10.90 -32.18 -16.22
C LEU A 381 -9.52 -32.84 -16.26
N GLN A 382 -8.81 -32.75 -15.15
CA GLN A 382 -7.49 -33.37 -15.01
C GLN A 382 -7.59 -34.89 -15.10
N LYS A 383 -8.61 -35.48 -14.49
CA LYS A 383 -8.86 -36.91 -14.63
C LYS A 383 -9.00 -37.31 -16.10
N LEU A 384 -9.81 -36.55 -16.84
CA LEU A 384 -9.97 -36.77 -18.28
C LEU A 384 -8.66 -36.64 -19.04
N ASP A 385 -7.99 -35.52 -18.85
CA ASP A 385 -6.80 -35.17 -19.63
C ASP A 385 -5.56 -36.02 -19.37
N TYR A 386 -5.48 -36.59 -18.16
CA TYR A 386 -4.40 -37.52 -17.78
C TYR A 386 -4.76 -39.00 -18.05
N GLY A 387 -5.90 -39.24 -18.72
CA GLY A 387 -6.37 -40.60 -19.07
C GLY A 387 -6.77 -41.48 -17.91
N ASN A 388 -7.27 -40.87 -16.87
CA ASN A 388 -7.66 -41.59 -15.66
C ASN A 388 -9.16 -41.77 -15.54
N GLY A 389 -9.89 -41.45 -16.61
CA GLY A 389 -11.35 -41.63 -16.62
C GLY A 389 -12.03 -41.37 -17.95
N GLU A 390 -13.18 -41.99 -18.14
CA GLU A 390 -13.98 -41.79 -19.33
C GLU A 390 -14.98 -40.70 -19.03
N VAL A 391 -15.47 -40.06 -20.08
CA VAL A 391 -16.34 -38.89 -19.91
C VAL A 391 -17.55 -39.13 -19.01
N ASN A 392 -18.28 -40.22 -19.21
CA ASN A 392 -19.52 -40.42 -18.46
C ASN A 392 -19.32 -40.62 -16.99
N LYS A 393 -18.34 -41.41 -16.66
CA LYS A 393 -18.07 -41.66 -15.28
C LYS A 393 -17.61 -40.37 -14.56
N VAL A 394 -16.71 -39.63 -15.21
CA VAL A 394 -16.17 -38.38 -14.64
C VAL A 394 -17.32 -37.38 -14.44
N ALA A 395 -18.16 -37.28 -15.46
CA ALA A 395 -19.32 -36.40 -15.41
C ALA A 395 -20.32 -36.78 -14.33
N ASP A 396 -20.74 -38.03 -14.32
CA ASP A 396 -21.66 -38.49 -13.29
C ASP A 396 -21.09 -38.26 -11.87
N ASP A 397 -19.80 -38.52 -11.70
CA ASP A 397 -19.13 -38.30 -10.40
C ASP A 397 -19.06 -36.81 -10.06
N PHE A 398 -18.85 -35.98 -11.07
CA PHE A 398 -18.90 -34.53 -10.84
C PHE A 398 -20.30 -34.15 -10.34
N LEU A 399 -21.33 -34.66 -10.99
CA LEU A 399 -22.70 -34.33 -10.59
C LEU A 399 -23.01 -34.68 -9.13
N SER A 400 -22.68 -35.89 -8.70
CA SER A 400 -22.93 -36.31 -7.31
C SER A 400 -22.11 -35.48 -6.32
N GLY A 401 -20.84 -35.25 -6.62
CA GLY A 401 -19.98 -34.47 -5.70
C GLY A 401 -20.39 -33.00 -5.65
N ALA A 402 -20.73 -32.45 -6.81
CA ALA A 402 -21.22 -31.07 -6.91
C ALA A 402 -22.48 -30.91 -6.07
N ASN A 403 -23.38 -31.89 -6.16
CA ASN A 403 -24.63 -31.81 -5.41
C ASN A 403 -24.40 -31.87 -3.89
N ARG A 404 -23.44 -32.69 -3.44
CA ARG A 404 -23.03 -32.69 -2.03
C ARG A 404 -22.51 -31.31 -1.61
N ILE A 405 -21.67 -30.70 -2.43
CA ILE A 405 -21.11 -29.37 -2.12
C ILE A 405 -22.23 -28.33 -2.00
N LEU A 406 -23.13 -28.35 -2.96
CA LEU A 406 -24.24 -27.37 -2.99
C LEU A 406 -25.21 -27.50 -1.84
N LYS A 407 -25.43 -28.72 -1.35
CA LYS A 407 -26.31 -28.88 -0.19
C LYS A 407 -25.72 -28.26 1.06
N ARG A 408 -24.39 -28.20 1.11
CA ARG A 408 -23.67 -27.49 2.17
C ARG A 408 -23.67 -25.99 1.96
N ALA A 409 -23.41 -25.57 0.72
CA ALA A 409 -23.19 -24.16 0.39
C ALA A 409 -24.48 -23.34 0.30
N ILE A 410 -25.52 -23.95 -0.25
CA ILE A 410 -26.79 -23.26 -0.47
C ILE A 410 -27.81 -23.56 0.60
N ARG A 411 -28.40 -22.52 1.18
CA ARG A 411 -29.41 -22.73 2.22
C ARG A 411 -30.56 -21.75 2.19
N MET B 2 9.54 -14.49 -13.82
CA MET B 2 9.81 -13.09 -13.43
C MET B 2 10.47 -13.13 -12.05
N ALA B 3 11.59 -12.44 -11.92
CA ALA B 3 12.23 -12.28 -10.63
C ALA B 3 11.30 -11.44 -9.79
N GLU B 4 11.19 -11.80 -8.52
CA GLU B 4 10.32 -11.13 -7.58
CA GLU B 4 10.32 -11.09 -7.57
C GLU B 4 11.11 -10.64 -6.37
N ILE B 5 10.95 -9.34 -6.11
CA ILE B 5 11.54 -8.68 -4.99
C ILE B 5 10.44 -7.97 -4.17
N ARG B 6 10.62 -8.05 -2.88
CA ARG B 6 9.73 -7.43 -1.90
C ARG B 6 10.38 -6.18 -1.33
N ILE B 7 9.59 -5.14 -1.09
CA ILE B 7 10.11 -3.89 -0.52
C ILE B 7 9.16 -3.44 0.58
N SER B 8 9.72 -3.15 1.76
CA SER B 8 8.97 -2.60 2.86
C SER B 8 9.36 -1.16 3.19
N TRP B 9 8.39 -0.42 3.70
CA TRP B 9 8.61 0.91 4.25
C TRP B 9 7.46 1.30 5.15
N TRP B 10 7.62 2.41 5.86
CA TRP B 10 6.54 2.98 6.67
C TRP B 10 6.31 4.42 6.24
N GLY B 11 5.19 4.96 6.70
CA GLY B 11 4.84 6.36 6.49
C GLY B 11 3.35 6.55 6.35
N GLY B 12 2.99 7.76 5.93
CA GLY B 12 1.61 8.14 5.72
C GLY B 12 1.20 7.87 4.28
N ASN B 13 -0.06 8.16 4.01
CA ASN B 13 -0.65 7.82 2.72
C ASN B 13 -0.04 8.59 1.54
N GLN B 14 0.45 9.80 1.78
CA GLN B 14 1.13 10.55 0.71
C GLN B 14 2.43 9.87 0.31
N ARG B 15 3.20 9.44 1.30
CA ARG B 15 4.41 8.70 1.00
C ARG B 15 4.06 7.36 0.32
N HIS B 16 2.99 6.72 0.78
CA HIS B 16 2.62 5.43 0.20
C HIS B 16 2.30 5.57 -1.29
N GLU B 17 1.50 6.57 -1.62
CA GLU B 17 1.12 6.76 -3.03
C GLU B 17 2.37 7.01 -3.88
N ALA B 18 3.23 7.89 -3.39
CA ALA B 18 4.44 8.28 -4.15
C ALA B 18 5.37 7.09 -4.33
N THR B 19 5.47 6.25 -3.28
CA THR B 19 6.35 5.10 -3.38
C THR B 19 5.78 4.07 -4.38
N LEU B 20 4.47 3.86 -4.32
CA LEU B 20 3.81 3.05 -5.35
CA LEU B 20 3.79 3.06 -5.35
C LEU B 20 3.99 3.61 -6.77
N ALA B 21 3.94 4.93 -6.93
CA ALA B 21 4.16 5.56 -8.24
C ALA B 21 5.58 5.24 -8.71
N ALA B 22 6.56 5.29 -7.81
CA ALA B 22 7.93 4.97 -8.19
C ALA B 22 8.06 3.51 -8.63
N ILE B 23 7.40 2.64 -7.87
CA ILE B 23 7.39 1.21 -8.19
C ILE B 23 6.78 0.93 -9.55
N ASN B 24 5.65 1.59 -9.82
CA ASN B 24 5.01 1.42 -11.13
C ASN B 24 5.90 1.94 -12.27
N ALA B 25 6.57 3.07 -12.07
CA ALA B 25 7.52 3.57 -13.08
C ALA B 25 8.69 2.59 -13.26
N PHE B 26 9.19 2.04 -12.16
CA PHE B 26 10.24 1.01 -12.25
C PHE B 26 9.80 -0.18 -13.08
N GLN B 27 8.60 -0.65 -12.80
CA GLN B 27 8.05 -1.79 -13.54
C GLN B 27 7.88 -1.53 -15.03
N LYS B 28 7.51 -0.30 -15.38
CA LYS B 28 7.38 0.08 -16.78
C LYS B 28 8.75 0.01 -17.47
N ALA B 29 9.79 0.40 -16.75
CA ALA B 29 11.16 0.43 -17.29
C ALA B 29 11.80 -0.95 -17.26
N ASN B 30 11.27 -1.81 -16.39
CA ASN B 30 11.82 -3.16 -16.15
C ASN B 30 10.71 -4.19 -16.07
N PRO B 31 10.13 -4.53 -17.23
CA PRO B 31 8.88 -5.26 -17.30
C PRO B 31 8.95 -6.73 -16.90
N THR B 32 10.16 -7.26 -16.68
CA THR B 32 10.33 -8.65 -16.24
C THR B 32 10.53 -8.80 -14.73
N ILE B 33 10.51 -7.68 -14.01
CA ILE B 33 10.71 -7.70 -12.53
C ILE B 33 9.38 -7.45 -11.79
N THR B 34 9.00 -8.39 -10.95
CA THR B 34 7.81 -8.28 -10.11
C THR B 34 8.24 -7.60 -8.79
N VAL B 35 7.49 -6.59 -8.35
CA VAL B 35 7.78 -5.90 -7.09
C VAL B 35 6.57 -6.03 -6.19
N LYS B 36 6.80 -6.62 -5.03
CA LYS B 36 5.77 -6.77 -4.01
CA LYS B 36 5.75 -6.75 -4.02
C LYS B 36 5.95 -5.71 -2.93
N ALA B 37 5.00 -4.78 -2.87
CA ALA B 37 5.04 -3.72 -1.89
C ALA B 37 4.50 -4.22 -0.56
N GLU B 38 5.23 -3.92 0.50
CA GLU B 38 4.87 -4.28 1.85
C GLU B 38 4.98 -3.01 2.72
N TYR B 39 3.95 -2.17 2.59
CA TYR B 39 3.84 -0.87 3.31
C TYR B 39 3.17 -1.00 4.67
N ALA B 40 3.52 -0.08 5.56
CA ALA B 40 2.92 -0.08 6.88
C ALA B 40 3.00 1.27 7.56
N GLY B 41 2.43 1.32 8.74
CA GLY B 41 2.65 2.40 9.65
C GLY B 41 3.90 2.14 10.49
N TRP B 42 4.42 3.24 10.99
CA TRP B 42 5.63 3.29 11.79
C TRP B 42 5.51 2.47 13.07
N ASP B 43 4.34 2.55 13.69
CA ASP B 43 4.05 1.75 14.88
C ASP B 43 4.11 0.27 14.54
N GLY B 44 5.02 -0.43 15.18
CA GLY B 44 5.15 -1.86 14.91
C GLY B 44 6.13 -2.25 13.82
N TYR B 45 6.60 -1.29 13.02
CA TYR B 45 7.47 -1.63 11.89
C TYR B 45 8.77 -2.32 12.35
N LEU B 46 9.46 -1.72 13.32
CA LEU B 46 10.74 -2.28 13.81
C LEU B 46 10.54 -3.68 14.41
N SER B 47 9.52 -3.86 15.23
CA SER B 47 9.27 -5.14 15.88
C SER B 47 8.96 -6.22 14.82
N ARG B 48 8.18 -5.86 13.81
CA ARG B 48 7.84 -6.77 12.73
C ARG B 48 9.09 -7.16 11.94
N LEU B 49 9.90 -6.15 11.62
CA LEU B 49 11.10 -6.38 10.85
C LEU B 49 12.11 -7.24 11.61
N SER B 50 12.28 -6.93 12.89
CA SER B 50 13.21 -7.71 13.73
C SER B 50 12.81 -9.20 13.77
N THR B 51 11.51 -9.45 13.88
CA THR B 51 11.01 -10.82 13.85
C THR B 51 11.23 -11.47 12.49
N GLN B 52 10.99 -10.73 11.42
CA GLN B 52 11.24 -11.26 10.08
C GLN B 52 12.71 -11.65 9.90
N ILE B 53 13.60 -10.74 10.28
CA ILE B 53 15.03 -10.98 10.12
C ILE B 53 15.43 -12.25 10.89
N ALA B 54 14.88 -12.40 12.10
CA ALA B 54 15.25 -13.56 12.94
C ALA B 54 14.94 -14.88 12.25
N GLY B 55 13.90 -14.86 11.43
CA GLY B 55 13.44 -16.01 10.67
C GLY B 55 13.81 -16.11 9.19
N GLY B 56 14.60 -15.14 8.71
CA GLY B 56 14.94 -15.12 7.28
C GLY B 56 13.80 -14.73 6.36
N GLN B 57 12.78 -14.06 6.91
CA GLN B 57 11.54 -13.76 6.20
C GLN B 57 11.48 -12.30 5.72
N GLU B 58 12.56 -11.55 5.93
CA GLU B 58 12.55 -10.11 5.62
C GLU B 58 12.47 -9.82 4.11
N PRO B 59 11.95 -8.64 3.75
CA PRO B 59 11.95 -8.28 2.35
C PRO B 59 13.33 -8.05 1.76
N ASP B 60 13.39 -8.09 0.43
CA ASP B 60 14.63 -7.87 -0.30
C ASP B 60 15.18 -6.48 -0.08
N VAL B 61 14.28 -5.49 -0.10
CA VAL B 61 14.61 -4.10 0.19
C VAL B 61 13.81 -3.62 1.37
N MET B 62 14.53 -3.03 2.32
CA MET B 62 13.90 -2.51 3.54
C MET B 62 14.24 -1.06 3.78
N ARG B 63 13.23 -0.24 4.05
CA ARG B 63 13.48 1.04 4.70
C ARG B 63 13.89 0.76 6.17
N ILE B 64 14.98 1.37 6.62
CA ILE B 64 15.43 1.23 8.00
C ILE B 64 15.87 2.61 8.50
N ASP B 65 15.75 2.80 9.80
CA ASP B 65 16.36 3.96 10.45
C ASP B 65 17.86 3.70 10.67
N TRP B 66 18.65 4.77 10.53
CA TRP B 66 20.11 4.68 10.75
C TRP B 66 20.48 4.17 12.13
N ASN B 67 19.67 4.55 13.12
CA ASN B 67 19.94 4.17 14.50
C ASN B 67 19.58 2.73 14.81
N TRP B 68 19.09 2.00 13.80
CA TRP B 68 18.87 0.55 13.93
C TRP B 68 20.09 -0.26 13.51
N LEU B 69 21.10 0.40 12.94
CA LEU B 69 22.29 -0.34 12.50
C LEU B 69 23.06 -1.03 13.64
N PRO B 70 23.11 -0.44 14.85
CA PRO B 70 23.76 -1.22 15.92
C PRO B 70 23.08 -2.57 16.16
N GLN B 71 21.77 -2.58 16.23
CA GLN B 71 21.02 -3.83 16.46
C GLN B 71 21.23 -4.85 15.34
N PHE B 72 21.10 -4.41 14.09
CA PHE B 72 21.08 -5.33 12.96
C PHE B 72 22.42 -5.65 12.36
N SER B 73 23.37 -4.74 12.53
CA SER B 73 24.67 -4.82 11.83
C SER B 73 25.89 -4.85 12.75
N ARG B 74 25.97 -3.95 13.72
CA ARG B 74 27.13 -3.99 14.65
C ARG B 74 27.06 -5.23 15.52
N ASN B 75 25.85 -5.52 15.96
N ASN B 75 25.84 -5.56 15.91
CA ASN B 75 25.55 -6.64 16.86
CA ASN B 75 25.58 -6.66 16.83
C ASN B 75 24.65 -7.72 16.26
C ASN B 75 24.63 -7.71 16.28
N GLY B 76 24.59 -7.77 14.95
CA GLY B 76 23.82 -8.77 14.23
C GLY B 76 24.52 -9.24 12.98
N ASP B 77 23.75 -9.85 12.10
CA ASP B 77 24.27 -10.50 10.90
C ASP B 77 24.67 -9.51 9.81
N GLY B 78 24.14 -8.29 9.92
CA GLY B 78 24.34 -7.27 8.91
C GLY B 78 23.46 -7.49 7.70
N PHE B 79 23.50 -6.48 6.84
CA PHE B 79 22.74 -6.51 5.59
C PHE B 79 23.67 -6.83 4.43
N TYR B 80 23.09 -6.99 3.25
CA TYR B 80 23.89 -7.17 2.04
C TYR B 80 24.80 -5.97 1.86
N ASP B 81 26.07 -6.21 1.57
CA ASP B 81 27.06 -5.15 1.45
C ASP B 81 26.85 -4.39 0.14
N LEU B 82 26.33 -3.17 0.25
CA LEU B 82 26.00 -2.40 -0.94
C LEU B 82 27.20 -1.99 -1.81
N ASN B 83 28.40 -2.04 -1.27
CA ASN B 83 29.60 -1.86 -2.08
C ASN B 83 29.70 -2.89 -3.19
N LYS B 84 29.05 -4.04 -3.04
CA LYS B 84 29.02 -5.05 -4.09
C LYS B 84 28.17 -4.63 -5.29
N GLN B 85 27.34 -3.59 -5.13
CA GLN B 85 26.50 -3.08 -6.20
C GLN B 85 26.81 -1.62 -6.48
N LYS B 86 28.08 -1.23 -6.32
CA LYS B 86 28.42 0.17 -6.42
C LYS B 86 28.06 0.78 -7.79
N ASP B 87 28.23 0.02 -8.87
CA ASP B 87 27.94 0.57 -10.22
C ASP B 87 26.44 0.73 -10.48
N ILE B 88 25.67 -0.28 -10.10
CA ILE B 88 24.20 -0.21 -10.26
C ILE B 88 23.64 0.92 -9.42
N LEU B 89 24.13 1.04 -8.20
CA LEU B 89 23.65 2.07 -7.27
C LEU B 89 24.20 3.46 -7.60
N GLY B 90 25.31 3.53 -8.31
CA GLY B 90 25.90 4.84 -8.60
C GLY B 90 26.35 5.53 -7.32
N LEU B 91 27.06 4.77 -6.49
CA LEU B 91 27.45 5.26 -5.16
C LEU B 91 28.28 6.55 -5.23
N GLY B 92 29.00 6.74 -6.33
CA GLY B 92 29.82 7.94 -6.57
C GLY B 92 29.01 9.23 -6.64
N ASP B 93 27.71 9.10 -6.90
CA ASP B 93 26.83 10.28 -6.93
C ASP B 93 26.51 10.84 -5.53
N PHE B 94 26.62 9.99 -4.51
CA PHE B 94 26.22 10.34 -3.15
C PHE B 94 27.35 10.98 -2.33
N PRO B 95 26.99 11.89 -1.41
CA PRO B 95 28.06 12.52 -0.66
C PRO B 95 28.84 11.49 0.16
N PRO B 96 30.17 11.49 0.08
CA PRO B 96 30.96 10.50 0.83
C PRO B 96 30.61 10.45 2.32
N ASN B 97 30.39 11.62 2.91
CA ASN B 97 30.04 11.67 4.33
C ASN B 97 28.72 10.96 4.64
N ALA B 98 27.78 11.03 3.71
CA ALA B 98 26.50 10.37 3.86
C ALA B 98 26.69 8.84 3.85
N LEU B 99 27.50 8.34 2.91
CA LEU B 99 27.78 6.91 2.85
C LEU B 99 28.53 6.40 4.07
N LYS B 100 29.45 7.22 4.58
CA LYS B 100 30.22 6.83 5.76
C LYS B 100 29.31 6.52 6.97
N THR B 101 28.20 7.26 7.10
CA THR B 101 27.26 7.07 8.21
C THR B 101 26.70 5.66 8.29
N ALA B 102 26.67 4.97 7.15
CA ALA B 102 26.03 3.65 7.07
C ALA B 102 27.03 2.51 6.92
N ASP B 103 28.31 2.81 7.09
CA ASP B 103 29.34 1.78 7.01
C ASP B 103 29.45 1.10 8.36
N VAL B 104 29.58 -0.22 8.32
CA VAL B 104 30.01 -0.98 9.49
C VAL B 104 31.17 -1.86 9.08
N LYS B 105 32.33 -1.60 9.68
CA LYS B 105 33.54 -2.40 9.41
CA LYS B 105 33.55 -2.39 9.43
C LYS B 105 33.85 -2.55 7.93
N GLY B 106 33.64 -1.47 7.17
CA GLY B 106 33.99 -1.47 5.75
C GLY B 106 32.87 -1.89 4.79
N LYS B 107 31.80 -2.46 5.34
CA LYS B 107 30.66 -2.92 4.55
C LYS B 107 29.50 -1.92 4.63
N LEU B 108 29.02 -1.49 3.47
CA LEU B 108 27.96 -0.46 3.43
C LEU B 108 26.61 -1.09 3.71
N GLN B 109 26.00 -0.74 4.83
CA GLN B 109 24.80 -1.43 5.32
C GLN B 109 23.49 -0.96 4.72
N GLY B 110 23.49 0.27 4.21
CA GLY B 110 22.29 0.88 3.67
C GLY B 110 22.64 2.16 2.93
N LEU B 111 21.73 2.60 2.09
CA LEU B 111 21.94 3.77 1.27
C LEU B 111 21.04 4.91 1.81
N PRO B 112 21.62 6.00 2.31
CA PRO B 112 20.77 7.08 2.77
C PRO B 112 19.82 7.62 1.72
N ILE B 113 18.55 7.71 2.08
CA ILE B 113 17.52 8.23 1.17
C ILE B 113 17.61 9.76 1.11
N SER B 114 17.86 10.36 2.26
CA SER B 114 18.04 11.78 2.46
C SER B 114 18.78 11.96 3.77
N MET B 115 19.50 13.06 3.89
CA MET B 115 20.03 13.52 5.16
C MET B 115 18.98 14.44 5.77
N THR B 116 19.01 14.56 7.09
CA THR B 116 18.09 15.41 7.81
C THR B 116 18.79 15.96 9.05
N SER B 117 18.29 17.12 9.51
CA SER B 117 18.81 17.80 10.68
C SER B 117 17.65 18.18 11.58
N ARG B 118 17.96 18.30 12.87
CA ARG B 118 17.00 18.88 13.81
C ARG B 118 17.02 20.41 13.67
N SER B 119 15.85 20.99 13.58
CA SER B 119 15.75 22.44 13.51
C SER B 119 14.38 22.87 14.08
N MET B 120 14.28 24.15 14.40
N MET B 120 14.28 24.15 14.42
CA MET B 120 13.04 24.68 14.92
CA MET B 120 13.04 24.67 14.97
C MET B 120 12.06 25.03 13.81
C MET B 120 12.07 25.03 13.83
N ILE B 121 10.82 24.62 13.99
CA ILE B 121 9.72 25.04 13.15
C ILE B 121 8.79 25.82 14.09
N TYR B 122 8.43 27.04 13.71
CA TYR B 122 7.62 27.91 14.56
C TYR B 122 6.34 28.32 13.87
N ASN B 123 5.30 28.53 14.69
CA ASN B 123 4.03 29.07 14.23
C ASN B 123 4.12 30.60 14.27
N LYS B 124 4.31 31.19 13.10
CA LYS B 124 4.53 32.65 12.99
C LYS B 124 3.43 33.43 13.66
N THR B 125 2.20 33.01 13.42
CA THR B 125 1.05 33.77 13.92
C THR B 125 1.06 33.87 15.44
N THR B 126 1.30 32.75 16.09
CA THR B 126 1.39 32.75 17.55
C THR B 126 2.51 33.63 18.10
N TRP B 127 3.71 33.49 17.54
CA TRP B 127 4.84 34.32 18.00
C TRP B 127 4.54 35.82 17.80
N ASP B 128 3.98 36.16 16.65
CA ASP B 128 3.56 37.54 16.31
C ASP B 128 2.47 38.04 17.29
N ASN B 129 1.48 37.19 17.59
CA ASN B 129 0.47 37.54 18.62
C ASN B 129 1.08 37.77 20.03
N ALA B 130 2.07 36.96 20.42
CA ALA B 130 2.81 37.15 21.71
C ALA B 130 3.73 38.38 21.75
N GLY B 131 4.10 38.88 20.57
CA GLY B 131 5.02 40.02 20.44
C GLY B 131 6.48 39.64 20.68
N VAL B 132 6.81 38.39 20.39
CA VAL B 132 8.16 37.87 20.62
C VAL B 132 8.76 37.45 19.28
N ALA B 133 9.96 37.97 19.00
CA ALA B 133 10.72 37.54 17.83
C ALA B 133 11.31 36.15 18.06
N TYR B 134 11.55 35.41 16.99
CA TYR B 134 12.12 34.07 17.19
C TYR B 134 13.49 34.19 17.87
N PRO B 135 13.79 33.30 18.82
CA PRO B 135 15.02 33.39 19.62
C PRO B 135 16.28 32.96 18.88
N LYS B 136 17.36 33.70 19.12
CA LYS B 136 18.67 33.39 18.57
C LYS B 136 19.60 32.78 19.63
N THR B 137 19.25 32.98 20.91
CA THR B 137 20.03 32.48 22.03
C THR B 137 19.16 31.71 23.03
N TRP B 138 19.78 30.87 23.86
CA TRP B 138 19.00 30.11 24.83
C TRP B 138 18.29 31.10 25.76
N ASP B 139 18.92 32.23 26.07
CA ASP B 139 18.24 33.25 26.89
C ASP B 139 16.96 33.80 26.28
N GLU B 140 17.00 34.08 24.98
CA GLU B 140 15.81 34.57 24.29
C GLU B 140 14.73 33.50 24.34
N LEU B 141 15.10 32.23 24.23
CA LEU B 141 14.13 31.12 24.28
C LEU B 141 13.44 31.08 25.67
N PHE B 142 14.23 31.03 26.74
CA PHE B 142 13.66 31.00 28.09
C PHE B 142 12.81 32.22 28.39
N ALA B 143 13.26 33.40 27.94
CA ALA B 143 12.51 34.66 28.12
C ALA B 143 11.16 34.72 27.38
N ALA B 144 11.03 33.94 26.31
CA ALA B 144 9.79 33.93 25.54
C ALA B 144 8.65 33.29 26.31
N GLY B 145 8.98 32.29 27.12
CA GLY B 145 7.97 31.52 27.87
C GLY B 145 7.03 32.38 28.72
N PRO B 146 7.59 33.19 29.63
CA PRO B 146 6.75 34.07 30.47
C PRO B 146 5.93 35.08 29.69
N VAL B 147 6.48 35.61 28.59
CA VAL B 147 5.71 36.54 27.74
C VAL B 147 4.51 35.81 27.09
N PHE B 148 4.73 34.63 26.54
CA PHE B 148 3.62 33.85 25.97
C PHE B 148 2.52 33.68 27.03
N LYS B 149 2.94 33.23 28.20
CA LYS B 149 2.02 32.93 29.32
C LYS B 149 1.22 34.17 29.73
N GLN B 150 1.90 35.29 29.84
CA GLN B 150 1.25 36.52 30.31
C GLN B 150 0.38 37.15 29.20
N LYS B 151 0.91 37.22 27.99
CA LYS B 151 0.23 37.86 26.85
C LYS B 151 -0.90 37.03 26.26
N LEU B 152 -0.67 35.73 26.13
CA LEU B 152 -1.63 34.87 25.46
C LEU B 152 -2.39 33.97 26.42
N GLY B 153 -1.78 33.63 27.54
CA GLY B 153 -2.39 32.76 28.53
C GLY B 153 -1.65 31.44 28.73
N ASP B 154 -2.04 30.74 29.79
CA ASP B 154 -1.38 29.51 30.25
C ASP B 154 -1.39 28.36 29.20
N SER B 155 -2.30 28.44 28.24
CA SER B 155 -2.40 27.43 27.17
C SER B 155 -1.32 27.52 26.11
N TYR B 156 -0.65 28.67 26.04
CA TYR B 156 0.25 29.00 24.94
C TYR B 156 1.70 28.81 25.33
N TYR B 157 2.44 28.15 24.45
CA TYR B 157 3.85 27.83 24.70
C TYR B 157 4.69 28.06 23.43
N PRO B 158 5.92 28.57 23.61
CA PRO B 158 6.85 28.69 22.51
C PRO B 158 7.14 27.38 21.76
N LEU B 159 7.12 26.28 22.50
CA LEU B 159 7.62 25.00 22.00
C LEU B 159 6.84 23.83 22.59
N GLY B 160 6.50 22.88 21.73
CA GLY B 160 5.92 21.63 22.20
C GLY B 160 6.94 20.50 22.28
N VAL B 161 6.41 19.32 22.57
CA VAL B 161 7.18 18.08 22.70
C VAL B 161 6.56 17.12 21.68
N ALA B 162 7.37 16.75 20.68
CA ALA B 162 6.87 16.19 19.42
C ALA B 162 6.10 14.87 19.56
N GLN B 163 6.48 14.09 20.56
CA GLN B 163 5.80 12.81 20.86
C GLN B 163 5.25 12.77 22.29
N GLY B 164 5.05 13.96 22.86
CA GLY B 164 4.27 14.11 24.10
C GLY B 164 4.84 13.31 25.24
N ALA B 165 3.99 12.47 25.83
CA ALA B 165 4.39 11.62 26.95
C ALA B 165 4.84 10.22 26.53
N SER B 166 4.81 9.94 25.23
CA SER B 166 5.25 8.63 24.71
C SER B 166 6.76 8.52 24.67
N ASP B 167 7.40 9.62 24.29
CA ASP B 167 8.83 9.65 24.01
CA ASP B 167 8.85 9.69 24.24
C ASP B 167 9.27 11.12 24.08
N VAL B 168 10.40 11.42 24.71
CA VAL B 168 10.89 12.81 24.77
C VAL B 168 12.32 12.89 24.20
N LEU B 169 12.56 12.14 23.13
CA LEU B 169 13.85 12.19 22.45
C LEU B 169 14.14 13.58 21.90
N ASP B 170 13.13 14.27 21.40
CA ASP B 170 13.36 15.64 20.90
C ASP B 170 14.04 16.56 21.92
N ILE B 171 13.53 16.61 23.14
CA ILE B 171 14.09 17.52 24.12
C ILE B 171 15.42 16.97 24.65
N LEU B 172 15.57 15.64 24.74
CA LEU B 172 16.91 15.04 25.02
C LEU B 172 17.92 15.55 24.00
N THR B 173 17.52 15.58 22.73
CA THR B 173 18.42 15.97 21.68
C THR B 173 18.69 17.46 21.72
N LEU B 174 17.69 18.25 22.07
CA LEU B 174 17.85 19.69 22.24
C LEU B 174 18.89 19.95 23.33
N GLY B 175 18.73 19.21 24.44
CA GLY B 175 19.67 19.26 25.57
C GLY B 175 21.07 18.89 25.10
N ARG B 176 21.16 17.81 24.32
CA ARG B 176 22.45 17.35 23.79
C ARG B 176 23.13 18.44 22.96
N SER B 177 22.33 19.16 22.18
CA SER B 177 22.85 20.20 21.29
C SER B 177 23.37 21.38 22.12
N TYR B 178 22.59 21.76 23.14
CA TYR B 178 23.02 22.75 24.14
C TYR B 178 24.37 22.38 24.79
N MET B 179 24.46 21.14 25.24
CA MET B 179 25.67 20.68 25.94
C MET B 179 26.86 20.57 25.00
N ALA B 180 26.60 20.26 23.73
CA ALA B 180 27.68 20.20 22.76
C ALA B 180 28.22 21.62 22.50
N GLN B 181 27.32 22.57 22.43
CA GLN B 181 27.70 23.99 22.31
C GLN B 181 28.53 24.45 23.50
N LYS B 182 28.09 24.06 24.70
CA LYS B 182 28.71 24.56 25.92
C LYS B 182 30.06 23.89 26.23
N TYR B 183 30.16 22.60 25.95
CA TYR B 183 31.31 21.78 26.34
C TYR B 183 32.08 21.12 25.21
N GLY B 184 31.49 21.02 24.02
CA GLY B 184 32.20 20.40 22.89
C GLY B 184 32.33 18.89 22.98
N ILE B 185 31.42 18.27 23.73
CA ILE B 185 31.39 16.83 23.84
C ILE B 185 29.99 16.31 23.56
N ASP B 186 29.92 15.03 23.25
CA ASP B 186 28.66 14.35 22.99
C ASP B 186 28.19 13.70 24.29
N MET B 187 26.93 13.25 24.26
CA MET B 187 26.30 12.52 25.34
C MET B 187 26.83 11.09 25.55
N ILE B 188 27.27 10.45 24.47
CA ILE B 188 27.70 9.05 24.48
C ILE B 188 29.22 8.91 24.30
N ASP B 189 29.81 8.02 25.10
CA ASP B 189 31.19 7.54 24.90
C ASP B 189 31.11 6.05 24.50
N GLU B 190 31.20 5.78 23.20
CA GLU B 190 31.04 4.42 22.69
C GLU B 190 32.15 3.48 23.13
N LYS B 191 33.38 3.98 23.20
CA LYS B 191 34.52 3.17 23.68
C LYS B 191 34.32 2.66 25.11
N LYS B 192 33.85 3.55 25.97
CA LYS B 192 33.58 3.19 27.37
C LYS B 192 32.24 2.48 27.58
N GLN B 193 31.42 2.44 26.54
CA GLN B 193 30.08 1.86 26.59
C GLN B 193 29.26 2.54 27.67
N SER B 194 29.31 3.87 27.67
CA SER B 194 28.75 4.66 28.75
C SER B 194 28.37 6.08 28.35
N ILE B 195 27.66 6.75 29.25
CA ILE B 195 27.37 8.17 29.13
C ILE B 195 28.69 8.93 29.30
N ALA B 196 28.91 9.90 28.42
CA ALA B 196 30.12 10.73 28.39
C ALA B 196 30.07 11.90 29.38
N TYR B 197 28.85 12.33 29.69
CA TYR B 197 28.65 13.40 30.68
C TYR B 197 29.04 12.93 32.07
N SER B 198 29.68 13.83 32.81
CA SER B 198 29.89 13.65 34.24
C SER B 198 28.56 13.66 34.99
N ARG B 199 28.62 13.30 36.25
CA ARG B 199 27.45 13.41 37.12
C ARG B 199 26.89 14.84 37.12
N ASP B 200 27.76 15.83 37.26
CA ASP B 200 27.32 17.23 37.26
C ASP B 200 26.67 17.61 35.94
N GLN B 201 27.18 17.02 34.86
CA GLN B 201 26.70 17.34 33.52
C GLN B 201 25.32 16.73 33.25
N VAL B 202 25.11 15.52 33.72
CA VAL B 202 23.77 14.90 33.66
C VAL B 202 22.78 15.74 34.51
N ARG B 203 23.22 16.19 35.67
CA ARG B 203 22.40 17.15 36.42
C ARG B 203 22.03 18.43 35.68
N GLU B 204 23.00 19.03 35.00
CA GLU B 204 22.79 20.21 34.17
C GLU B 204 21.78 19.90 33.07
N LEU B 205 21.85 18.68 32.52
CA LEU B 205 20.94 18.25 31.45
C LEU B 205 19.50 18.20 31.95
N PHE B 206 19.29 17.55 33.09
CA PHE B 206 17.96 17.56 33.71
C PHE B 206 17.57 18.98 34.17
N GLY B 207 18.53 19.77 34.62
CA GLY B 207 18.25 21.17 34.99
C GLY B 207 17.74 21.99 33.81
N PHE B 208 18.27 21.68 32.64
CA PHE B 208 17.88 22.35 31.39
C PHE B 208 16.40 22.05 31.08
N TYR B 209 16.04 20.77 31.23
CA TYR B 209 14.63 20.36 31.10
C TYR B 209 13.73 21.12 32.10
N LYS B 210 14.13 21.07 33.37
CA LYS B 210 13.38 21.71 34.45
C LYS B 210 13.20 23.20 34.13
N LYS B 211 14.23 23.86 33.63
CA LYS B 211 14.10 25.28 33.27
C LYS B 211 13.12 25.52 32.11
N LEU B 212 13.13 24.64 31.11
CA LEU B 212 12.19 24.81 30.01
C LEU B 212 10.75 24.77 30.53
N VAL B 213 10.50 23.84 31.45
CA VAL B 213 9.18 23.71 32.06
C VAL B 213 8.86 24.88 32.98
N ASP B 214 9.76 25.17 33.91
CA ASP B 214 9.57 26.25 34.89
C ASP B 214 9.38 27.63 34.20
N SER B 215 10.08 27.84 33.08
CA SER B 215 9.94 29.07 32.26
C SER B 215 8.74 29.14 31.29
N HIS B 216 7.87 28.12 31.27
CA HIS B 216 6.73 28.06 30.34
C HIS B 216 7.19 28.07 28.88
N VAL B 217 8.37 27.50 28.61
CA VAL B 217 8.80 27.30 27.22
C VAL B 217 8.12 26.07 26.59
N ILE B 218 8.07 24.98 27.35
CA ILE B 218 7.36 23.74 26.95
C ILE B 218 6.39 23.35 28.05
N PRO B 219 5.30 22.66 27.69
CA PRO B 219 4.45 22.04 28.69
C PRO B 219 5.13 20.86 29.33
N ASP B 220 4.67 20.53 30.54
CA ASP B 220 5.21 19.39 31.28
C ASP B 220 4.57 18.07 30.86
N GLN B 221 5.01 16.99 31.47
CA GLN B 221 4.52 15.68 31.08
C GLN B 221 3.10 15.40 31.54
N ARG B 222 2.64 16.11 32.57
CA ARG B 222 1.22 16.04 32.98
C ARG B 222 0.32 16.57 31.85
N TYR B 223 0.73 17.68 31.27
CA TYR B 223 0.01 18.26 30.12
C TYR B 223 -0.08 17.22 29.00
N PHE B 224 1.06 16.66 28.61
CA PHE B 224 1.01 15.74 27.47
C PHE B 224 0.24 14.46 27.77
N SER B 225 0.31 13.98 29.01
CA SER B 225 -0.43 12.78 29.40
C SER B 225 -1.93 13.00 29.27
N SER B 226 -2.37 14.25 29.40
CA SER B 226 -3.82 14.59 29.31
C SER B 226 -4.40 14.28 27.93
N PHE B 227 -3.54 14.20 26.93
CA PHE B 227 -3.93 13.89 25.55
C PHE B 227 -3.89 12.42 25.17
N GLY B 228 -3.47 11.59 26.11
CA GLY B 228 -3.43 10.13 25.88
C GLY B 228 -2.40 9.72 24.83
N ARG B 229 -2.82 8.82 23.95
CA ARG B 229 -1.93 8.23 22.94
C ARG B 229 -2.02 8.91 21.57
N THR B 230 -2.80 9.98 21.51
CA THR B 230 -3.00 10.75 20.28
C THR B 230 -1.68 11.32 19.75
N ASN B 231 -1.43 11.16 18.45
CA ASN B 231 -0.27 11.76 17.80
C ASN B 231 -0.28 13.27 18.08
N VAL B 232 0.86 13.84 18.47
CA VAL B 232 0.85 15.25 18.82
C VAL B 232 0.55 16.11 17.59
N TYR B 233 0.93 15.60 16.43
CA TYR B 233 0.63 16.32 15.18
C TYR B 233 -0.87 16.30 14.85
N GLU B 234 -1.66 15.62 15.67
CA GLU B 234 -3.15 15.58 15.58
C GLU B 234 -3.86 16.23 16.77
N ILE B 235 -3.13 16.74 17.77
CA ILE B 235 -3.84 17.33 18.93
C ILE B 235 -4.18 18.79 18.67
N ARG B 236 -5.25 19.23 19.31
CA ARG B 236 -5.77 20.56 19.02
C ARG B 236 -4.78 21.68 19.34
N PRO B 237 -4.01 21.57 20.45
CA PRO B 237 -3.05 22.64 20.70
C PRO B 237 -2.00 22.85 19.62
N TRP B 238 -1.63 21.79 18.89
CA TRP B 238 -0.70 21.97 17.76
C TRP B 238 -1.44 22.56 16.57
N ILE B 239 -2.58 21.96 16.25
CA ILE B 239 -3.35 22.39 15.09
C ILE B 239 -3.78 23.86 15.23
N ASN B 240 -4.16 24.26 16.45
N ASN B 240 -4.16 24.27 16.44
CA ASN B 240 -4.68 25.62 16.71
CA ASN B 240 -4.68 25.63 16.61
C ASN B 240 -3.65 26.67 17.09
C ASN B 240 -3.65 26.67 17.10
N GLY B 241 -2.38 26.29 17.11
CA GLY B 241 -1.31 27.24 17.34
C GLY B 241 -1.00 27.56 18.79
N GLU B 242 -1.56 26.80 19.72
CA GLU B 242 -1.21 26.97 21.15
C GLU B 242 0.23 26.52 21.46
N LEU B 243 0.62 25.42 20.85
CA LEU B 243 2.03 24.97 20.85
C LEU B 243 2.67 25.58 19.61
N ALA B 244 3.55 26.55 19.84
CA ALA B 244 3.98 27.45 18.77
C ALA B 244 5.32 27.06 18.12
N GLY B 245 5.80 25.87 18.40
CA GLY B 245 7.05 25.40 17.83
C GLY B 245 7.26 23.93 18.08
N MET B 246 8.09 23.32 17.24
CA MET B 246 8.59 21.97 17.44
C MET B 246 10.04 21.91 16.97
N TYR B 247 10.82 21.09 17.64
CA TYR B 247 12.21 20.81 17.29
C TYR B 247 12.23 19.47 16.57
N LEU B 248 12.10 19.55 15.24
CA LEU B 248 11.86 18.36 14.43
C LEU B 248 13.04 18.03 13.56
N TRP B 249 13.19 16.75 13.23
CA TRP B 249 13.98 16.42 12.04
C TRP B 249 13.27 17.07 10.86
N ASP B 250 14.01 17.67 9.92
CA ASP B 250 13.34 18.27 8.76
C ASP B 250 12.55 17.26 7.93
N SER B 251 12.94 15.98 8.05
CA SER B 251 12.21 14.88 7.40
C SER B 251 10.81 14.65 8.01
N ALA B 252 10.51 15.26 9.15
CA ALA B 252 9.18 15.17 9.79
C ALA B 252 8.27 16.35 9.51
N ILE B 253 8.81 17.38 8.86
CA ILE B 253 8.03 18.61 8.64
C ILE B 253 6.70 18.32 7.92
N TYR B 254 6.74 17.49 6.90
CA TYR B 254 5.50 17.20 6.15
C TYR B 254 4.45 16.58 7.07
N THR B 255 4.88 15.63 7.88
CA THR B 255 3.99 14.98 8.84
C THR B 255 3.35 16.00 9.81
N TYR B 256 4.18 16.87 10.36
CA TYR B 256 3.68 17.89 11.32
C TYR B 256 2.87 19.01 10.68
N SER B 257 3.06 19.20 9.39
CA SER B 257 2.30 20.17 8.62
C SER B 257 0.94 19.64 8.17
N SER B 258 0.81 18.31 8.17
CA SER B 258 -0.25 17.60 7.42
C SER B 258 -1.66 17.98 7.89
N ASN B 259 -1.82 18.26 9.18
CA ASN B 259 -3.15 18.57 9.75
C ASN B 259 -3.34 20.05 10.14
N MET B 260 -2.38 20.90 9.79
CA MET B 260 -2.51 22.34 10.09
C MET B 260 -3.60 22.97 9.20
N PRO B 261 -4.31 23.99 9.72
CA PRO B 261 -5.31 24.68 8.90
C PRO B 261 -4.64 25.35 7.72
N LYS B 262 -5.40 25.53 6.65
CA LYS B 262 -4.95 26.17 5.39
C LYS B 262 -4.20 27.50 5.61
N ASP B 263 -4.69 28.29 6.56
CA ASP B 263 -4.21 29.66 6.78
C ASP B 263 -3.05 29.74 7.78
N ALA B 264 -2.63 28.59 8.33
CA ALA B 264 -1.56 28.59 9.31
C ALA B 264 -0.23 28.82 8.59
N VAL B 265 0.68 29.46 9.30
CA VAL B 265 2.01 29.77 8.76
C VAL B 265 3.08 29.23 9.69
N LEU B 266 3.78 28.20 9.21
CA LEU B 266 4.92 27.62 9.90
C LEU B 266 6.19 28.09 9.18
N GLU B 267 7.22 28.40 9.96
CA GLU B 267 8.48 28.92 9.44
C GLU B 267 9.69 28.27 10.11
N THR B 268 10.77 28.19 9.36
CA THR B 268 12.05 27.75 9.88
C THR B 268 12.62 28.85 10.80
N GLY B 269 13.06 28.43 11.98
CA GLY B 269 13.55 29.32 13.04
C GLY B 269 15.07 29.30 13.19
N PRO B 270 15.64 30.34 13.81
CA PRO B 270 17.08 30.36 14.05
C PRO B 270 17.60 29.16 14.83
N PHE B 271 18.86 28.82 14.55
CA PHE B 271 19.57 27.79 15.29
C PHE B 271 20.08 28.40 16.60
N ILE B 272 19.38 28.07 17.67
CA ILE B 272 19.64 28.65 18.98
C ILE B 272 21.03 28.24 19.45
N THR B 273 21.81 29.24 19.85
N THR B 273 21.81 29.22 19.89
CA THR B 273 23.21 29.03 20.20
CA THR B 273 23.20 28.97 20.26
C THR B 273 23.64 29.83 21.42
C THR B 273 23.61 29.79 21.46
N ILE B 274 24.55 29.25 22.20
CA ILE B 274 25.16 29.97 23.33
C ILE B 274 26.13 30.97 22.72
N PRO B 275 26.13 32.22 23.22
CA PRO B 275 27.17 33.11 22.77
C PRO B 275 28.55 32.51 23.05
N GLY B 276 29.42 32.55 22.04
CA GLY B 276 30.79 32.02 22.13
C GLY B 276 30.83 30.50 22.23
N ALA B 277 29.86 29.86 21.59
CA ALA B 277 29.81 28.42 21.64
C ALA B 277 31.09 27.77 21.08
N LYS B 278 31.40 26.61 21.62
CA LYS B 278 32.57 25.80 21.22
C LYS B 278 32.32 25.02 19.93
N ASP B 279 31.05 24.79 19.69
CA ASP B 279 30.59 23.97 18.59
C ASP B 279 29.18 24.43 18.23
N SER B 280 28.76 24.22 16.99
CA SER B 280 27.40 24.63 16.59
C SER B 280 26.32 23.74 17.22
N GLY B 281 26.66 22.51 17.54
CA GLY B 281 25.66 21.55 18.03
C GLY B 281 24.66 21.12 16.95
N LEU B 282 24.96 21.43 15.70
CA LEU B 282 24.11 21.03 14.57
C LEU B 282 24.00 19.51 14.54
N THR B 283 22.77 19.02 14.51
CA THR B 283 22.49 17.60 14.73
C THR B 283 21.85 17.03 13.48
N SER B 284 22.56 16.12 12.82
CA SER B 284 22.15 15.55 11.54
C SER B 284 22.37 14.05 11.49
N LYS B 285 21.58 13.39 10.66
CA LYS B 285 21.71 11.96 10.41
C LYS B 285 20.95 11.62 9.16
N PRO B 286 21.12 10.39 8.65
CA PRO B 286 20.23 9.97 7.57
C PRO B 286 18.80 9.90 8.05
N SER B 287 17.86 10.41 7.25
CA SER B 287 16.46 10.33 7.66
C SER B 287 15.98 8.87 7.69
N SER B 288 16.56 8.06 6.81
N SER B 288 16.53 8.08 6.78
CA SER B 288 16.30 6.64 6.65
CA SER B 288 16.32 6.65 6.67
C SER B 288 17.25 6.13 5.59
C SER B 288 17.27 6.13 5.60
N LEU B 289 17.39 4.81 5.54
CA LEU B 289 18.25 4.12 4.56
C LEU B 289 17.38 3.11 3.86
N PHE B 290 17.80 2.74 2.64
CA PHE B 290 17.37 1.48 2.04
C PHE B 290 18.47 0.44 2.15
N ALA B 291 18.11 -0.72 2.72
CA ALA B 291 19.02 -1.86 2.87
C ALA B 291 18.52 -3.04 2.07
N ILE B 292 19.45 -3.89 1.63
CA ILE B 292 19.15 -5.12 0.93
C ILE B 292 19.35 -6.30 1.89
N SER B 293 18.41 -7.24 1.85
N SER B 293 18.43 -7.23 1.86
CA SER B 293 18.46 -8.45 2.66
CA SER B 293 18.52 -8.37 2.77
C SER B 293 19.76 -9.21 2.44
C SER B 293 19.74 -9.19 2.46
N LYS B 294 20.37 -9.64 3.54
CA LYS B 294 21.67 -10.31 3.49
CA LYS B 294 21.66 -10.29 3.48
C LYS B 294 21.62 -11.48 2.52
N ASN B 295 20.50 -12.23 2.54
CA ASN B 295 20.38 -13.43 1.72
C ASN B 295 19.33 -13.30 0.62
N SER B 296 19.10 -12.07 0.16
CA SER B 296 18.25 -11.90 -1.01
C SER B 296 18.75 -12.76 -2.18
N LYS B 297 17.80 -13.34 -2.93
CA LYS B 297 18.12 -14.13 -4.13
C LYS B 297 18.36 -13.20 -5.33
N HIS B 298 18.00 -11.93 -5.18
CA HIS B 298 18.06 -10.96 -6.30
C HIS B 298 18.66 -9.60 -5.88
N PRO B 299 19.88 -9.60 -5.30
CA PRO B 299 20.41 -8.33 -4.86
C PRO B 299 20.64 -7.33 -5.98
N LYS B 300 20.96 -7.80 -7.16
CA LYS B 300 21.11 -6.89 -8.30
C LYS B 300 19.81 -6.12 -8.60
N GLU B 301 18.72 -6.86 -8.69
CA GLU B 301 17.41 -6.27 -8.99
C GLU B 301 16.94 -5.37 -7.84
N ALA B 302 17.22 -5.77 -6.61
CA ALA B 302 16.94 -4.92 -5.45
C ALA B 302 17.69 -3.58 -5.57
N ALA B 303 18.96 -3.66 -5.90
CA ALA B 303 19.77 -2.45 -6.11
C ALA B 303 19.25 -1.62 -7.29
N MET B 304 18.79 -2.28 -8.35
CA MET B 304 18.20 -1.55 -9.48
C MET B 304 16.97 -0.76 -9.03
N LEU B 305 16.12 -1.35 -8.20
CA LEU B 305 14.94 -0.65 -7.67
C LEU B 305 15.37 0.57 -6.85
N MET B 306 16.35 0.38 -5.98
CA MET B 306 16.87 1.46 -5.16
C MET B 306 17.44 2.60 -6.02
N ASN B 307 18.26 2.24 -7.00
CA ASN B 307 18.79 3.28 -7.88
C ASN B 307 17.67 4.02 -8.62
N PHE B 308 16.67 3.29 -9.05
CA PHE B 308 15.57 3.90 -9.77
C PHE B 308 14.87 4.94 -8.92
N MET B 309 14.64 4.59 -7.66
CA MET B 309 13.99 5.50 -6.71
C MET B 309 14.81 6.74 -6.37
N LEU B 310 16.11 6.57 -6.20
CA LEU B 310 16.97 7.63 -5.66
C LEU B 310 17.69 8.48 -6.70
N SER B 311 17.83 7.94 -7.91
CA SER B 311 18.66 8.57 -8.92
C SER B 311 18.01 8.70 -10.29
N ASN B 312 17.14 7.78 -10.68
CA ASN B 312 16.52 7.84 -12.02
C ASN B 312 15.48 8.96 -12.00
N PRO B 313 15.51 9.87 -13.01
CA PRO B 313 14.56 10.98 -13.01
C PRO B 313 13.09 10.57 -12.78
N GLU B 314 12.68 9.44 -13.37
CA GLU B 314 11.28 9.03 -13.22
C GLU B 314 10.95 8.61 -11.77
N GLY B 315 11.88 7.94 -11.12
CA GLY B 315 11.69 7.59 -9.71
C GLY B 315 11.77 8.78 -8.80
N VAL B 316 12.72 9.65 -9.08
CA VAL B 316 12.90 10.85 -8.29
C VAL B 316 11.65 11.74 -8.39
N LYS B 317 11.11 11.93 -9.60
CA LYS B 317 9.91 12.72 -9.74
C LYS B 317 8.72 12.07 -9.02
N ALA B 318 8.62 10.75 -9.10
CA ALA B 318 7.54 10.07 -8.41
C ALA B 318 7.57 10.31 -6.89
N LEU B 319 8.74 10.18 -6.32
CA LEU B 319 8.89 10.29 -4.86
C LEU B 319 8.87 11.73 -4.38
N GLY B 320 9.30 12.67 -5.23
CA GLY B 320 9.36 14.05 -4.80
C GLY B 320 10.06 14.20 -3.47
N LEU B 321 9.47 14.99 -2.60
CA LEU B 321 10.00 15.27 -1.28
C LEU B 321 9.38 14.41 -0.17
N GLN B 322 8.74 13.31 -0.54
CA GLN B 322 8.04 12.49 0.45
C GLN B 322 8.96 11.74 1.42
N ASN B 323 10.25 11.64 1.09
CA ASN B 323 11.25 11.07 1.99
C ASN B 323 12.30 12.11 2.40
N GLY B 324 11.99 13.39 2.24
CA GLY B 324 12.94 14.46 2.56
C GLY B 324 13.69 14.92 1.33
N MET B 325 14.68 15.77 1.56
CA MET B 325 15.50 16.30 0.47
C MET B 325 16.47 15.24 -0.05
N PRO B 326 16.35 14.82 -1.32
CA PRO B 326 17.14 13.66 -1.78
C PRO B 326 18.63 13.74 -1.48
N ALA B 327 19.17 12.62 -1.04
CA ALA B 327 20.59 12.53 -0.76
C ALA B 327 21.46 12.76 -2.00
N ASN B 328 20.97 12.30 -3.15
CA ASN B 328 21.71 12.47 -4.40
C ASN B 328 21.53 13.92 -4.86
N PRO B 329 22.63 14.69 -4.97
CA PRO B 329 22.45 16.08 -5.39
C PRO B 329 21.81 16.24 -6.78
N LYS B 330 22.01 15.29 -7.67
CA LYS B 330 21.36 15.37 -8.98
C LYS B 330 19.84 15.25 -8.86
N ALA B 331 19.38 14.47 -7.89
CA ALA B 331 17.96 14.34 -7.65
C ALA B 331 17.41 15.65 -7.09
N GLN B 332 18.14 16.27 -6.16
CA GLN B 332 17.74 17.60 -5.68
C GLN B 332 17.66 18.60 -6.83
N LYS B 333 18.65 18.57 -7.73
CA LYS B 333 18.68 19.56 -8.83
C LYS B 333 17.44 19.36 -9.71
N LEU B 334 17.11 18.11 -10.02
CA LEU B 334 15.90 17.84 -10.83
C LEU B 334 14.65 18.39 -10.18
N LEU B 335 14.49 18.13 -8.89
CA LEU B 335 13.32 18.63 -8.18
C LEU B 335 13.25 20.14 -8.12
N GLU B 336 14.40 20.80 -8.02
N GLU B 336 14.39 20.79 -8.02
CA GLU B 336 14.46 22.27 -8.10
CA GLU B 336 14.41 22.24 -8.11
C GLU B 336 14.07 22.74 -9.50
C GLU B 336 14.05 22.73 -9.51
N ASP B 337 14.63 22.07 -10.51
CA ASP B 337 14.37 22.47 -11.93
C ASP B 337 12.89 22.39 -12.30
N ILE B 338 12.17 21.42 -11.74
CA ILE B 338 10.74 21.27 -12.00
C ILE B 338 9.84 21.96 -10.94
N GLY B 339 10.47 22.67 -10.01
CA GLY B 339 9.76 23.49 -9.05
C GLY B 339 9.23 22.84 -7.78
N VAL B 340 9.53 21.55 -7.60
CA VAL B 340 9.07 20.85 -6.41
C VAL B 340 9.86 21.35 -5.19
N ILE B 341 11.17 21.48 -5.36
CA ILE B 341 11.99 22.27 -4.41
C ILE B 341 11.88 23.72 -4.86
N ASN B 342 11.43 24.58 -3.96
CA ASN B 342 11.23 26.01 -4.25
C ASN B 342 11.34 26.78 -2.92
N PRO B 343 11.53 28.11 -2.98
CA PRO B 343 11.78 28.83 -1.73
C PRO B 343 10.57 29.04 -0.81
N GLY B 344 9.39 28.65 -1.28
CA GLY B 344 8.17 28.66 -0.45
C GLY B 344 7.96 27.36 0.31
N ASN B 345 8.80 26.36 0.06
CA ASN B 345 8.63 25.05 0.65
C ASN B 345 9.37 24.97 2.00
N LEU B 346 8.63 24.65 3.06
CA LEU B 346 9.17 24.67 4.43
C LEU B 346 10.31 23.65 4.63
N LEU B 347 10.16 22.45 4.07
CA LEU B 347 11.25 21.47 4.13
C LEU B 347 12.54 21.97 3.46
N ALA B 348 12.38 22.53 2.25
CA ALA B 348 13.54 23.08 1.55
C ALA B 348 14.18 24.20 2.37
N ASN B 349 13.36 25.07 2.93
CA ASN B 349 13.87 26.17 3.75
C ASN B 349 14.62 25.67 4.99
N ALA B 350 14.03 24.69 5.69
CA ALA B 350 14.67 24.15 6.89
C ALA B 350 15.99 23.43 6.53
N TYR B 351 15.97 22.66 5.45
CA TYR B 351 17.15 21.90 5.03
C TYR B 351 18.27 22.85 4.59
N ARG B 352 17.91 23.87 3.82
CA ARG B 352 18.87 24.90 3.41
C ARG B 352 19.44 25.71 4.57
N ALA B 353 18.61 25.97 5.58
CA ALA B 353 19.09 26.68 6.77
C ALA B 353 20.11 25.83 7.52
N ALA B 354 19.81 24.54 7.69
CA ALA B 354 20.74 23.61 8.34
C ALA B 354 22.06 23.54 7.58
N ALA B 355 21.99 23.50 6.25
CA ALA B 355 23.18 23.42 5.40
C ALA B 355 24.06 24.66 5.53
N ALA B 356 23.48 25.79 5.92
CA ALA B 356 24.21 27.05 6.09
C ALA B 356 24.88 27.18 7.46
N GLN B 357 24.58 26.25 8.36
CA GLN B 357 25.14 26.30 9.73
C GLN B 357 26.56 25.75 9.74
N PRO B 358 27.38 26.19 10.71
CA PRO B 358 28.71 25.59 10.80
C PRO B 358 28.59 24.10 11.11
N GLU B 359 29.36 23.30 10.41
CA GLU B 359 29.43 21.86 10.68
C GLU B 359 29.84 21.61 12.13
N SER B 360 29.15 20.68 12.78
CA SER B 360 29.53 20.24 14.13
C SER B 360 30.76 19.35 14.06
N LYS B 361 31.61 19.46 15.09
CA LYS B 361 32.77 18.59 15.30
C LYS B 361 32.49 17.52 16.34
N VAL B 362 31.23 17.49 16.79
CA VAL B 362 30.82 16.59 17.86
C VAL B 362 29.88 15.54 17.24
N ALA B 363 30.35 14.30 17.20
CA ALA B 363 29.62 13.22 16.59
C ALA B 363 28.28 12.93 17.28
N VAL B 364 27.29 12.58 16.46
CA VAL B 364 26.00 12.06 16.93
C VAL B 364 26.08 10.52 16.95
N SER B 365 25.83 9.94 18.11
CA SER B 365 25.84 8.51 18.29
C SER B 365 24.46 7.93 18.04
N PRO B 366 24.38 6.82 17.30
CA PRO B 366 23.07 6.18 17.18
C PRO B 366 22.52 5.71 18.53
N PHE B 367 23.39 5.53 19.51
CA PHE B 367 22.95 5.05 20.83
C PHE B 367 22.15 6.05 21.64
N MET B 368 22.25 7.33 21.27
CA MET B 368 21.42 8.37 21.89
C MET B 368 19.94 8.13 21.62
N GLU B 369 19.65 7.39 20.55
CA GLU B 369 18.27 7.06 20.16
CA GLU B 369 18.26 7.04 20.18
C GLU B 369 17.87 5.63 20.57
N ASN B 370 18.70 4.99 21.38
CA ASN B 370 18.37 3.67 21.90
C ASN B 370 17.01 3.76 22.60
N GLN B 371 16.12 2.82 22.29
CA GLN B 371 14.72 2.93 22.75
C GLN B 371 14.65 2.83 24.29
N GLU B 372 15.42 1.93 24.90
CA GLU B 372 15.42 1.83 26.37
C GLU B 372 15.96 3.09 27.01
N LEU B 373 17.00 3.66 26.41
CA LEU B 373 17.59 4.89 26.96
C LEU B 373 16.57 6.04 26.88
N VAL B 374 15.90 6.16 25.73
CA VAL B 374 14.92 7.19 25.55
C VAL B 374 13.75 7.03 26.53
N GLN B 375 13.34 5.80 26.76
CA GLN B 375 12.25 5.55 27.69
C GLN B 375 12.69 5.80 29.13
N LEU B 376 13.94 5.54 29.45
CA LEU B 376 14.48 5.87 30.78
C LEU B 376 14.46 7.38 31.01
N TRP B 377 14.91 8.13 30.01
CA TRP B 377 14.85 9.60 30.02
C TRP B 377 13.42 10.08 30.20
N THR B 378 12.53 9.52 29.40
CA THR B 378 11.12 9.90 29.40
C THR B 378 10.45 9.68 30.77
N THR B 379 10.65 8.48 31.31
CA THR B 379 10.11 8.16 32.63
C THR B 379 10.77 9.00 33.73
N SER B 380 12.04 9.34 33.56
CA SER B 380 12.73 10.23 34.50
C SER B 380 12.10 11.62 34.51
N LEU B 381 11.77 12.12 33.32
CA LEU B 381 11.09 13.44 33.23
C LEU B 381 9.73 13.39 33.90
N GLN B 382 9.03 12.28 33.70
CA GLN B 382 7.73 12.05 34.36
C GLN B 382 7.87 12.03 35.89
N LYS B 383 8.91 11.40 36.40
CA LYS B 383 9.17 11.41 37.85
C LYS B 383 9.28 12.85 38.38
N LEU B 384 10.05 13.67 37.67
CA LEU B 384 10.17 15.09 38.00
C LEU B 384 8.84 15.84 37.94
N ASP B 385 8.16 15.73 36.80
CA ASP B 385 6.94 16.50 36.56
C ASP B 385 5.70 16.10 37.39
N TYR B 386 5.68 14.86 37.85
CA TYR B 386 4.61 14.37 38.75
C TYR B 386 4.96 14.54 40.24
N GLY B 387 6.07 15.23 40.51
CA GLY B 387 6.52 15.55 41.88
C GLY B 387 7.00 14.38 42.69
N ASN B 388 7.55 13.38 42.01
CA ASN B 388 7.99 12.13 42.64
C ASN B 388 9.49 11.97 42.77
N GLY B 389 10.23 13.01 42.45
CA GLY B 389 11.68 12.96 42.58
C GLY B 389 12.31 14.33 42.47
N GLU B 390 13.49 14.44 43.05
CA GLU B 390 14.26 15.66 43.00
C GLU B 390 15.23 15.55 41.85
N VAL B 391 15.62 16.70 41.31
CA VAL B 391 16.44 16.73 40.10
C VAL B 391 17.71 15.95 40.23
N ASN B 392 18.48 16.24 41.27
CA ASN B 392 19.83 15.69 41.32
C ASN B 392 19.74 14.17 41.48
N LYS B 393 18.73 13.72 42.24
CA LYS B 393 18.51 12.29 42.45
C LYS B 393 18.01 11.55 41.18
N VAL B 394 17.09 12.18 40.48
CA VAL B 394 16.57 11.64 39.22
C VAL B 394 17.71 11.58 38.19
N ALA B 395 18.48 12.66 38.11
CA ALA B 395 19.64 12.74 37.23
C ALA B 395 20.62 11.60 37.51
N ASP B 396 21.04 11.50 38.77
CA ASP B 396 22.06 10.52 39.15
C ASP B 396 21.56 9.10 38.83
N ASP B 397 20.28 8.85 39.09
CA ASP B 397 19.62 7.57 38.74
C ASP B 397 19.52 7.29 37.23
N PHE B 398 19.28 8.35 36.46
CA PHE B 398 19.28 8.23 35.00
C PHE B 398 20.67 7.77 34.54
N LEU B 399 21.70 8.42 35.08
CA LEU B 399 23.07 8.08 34.73
C LEU B 399 23.40 6.58 34.94
N SER B 400 23.06 6.04 36.10
N SER B 400 23.07 6.03 36.11
CA SER B 400 23.35 4.63 36.38
CA SER B 400 23.35 4.62 36.39
C SER B 400 22.54 3.65 35.50
C SER B 400 22.53 3.63 35.53
N GLY B 401 21.26 3.92 35.31
CA GLY B 401 20.41 3.02 34.50
C GLY B 401 20.80 3.07 33.02
N ALA B 402 21.14 4.27 32.57
CA ALA B 402 21.57 4.50 31.18
C ALA B 402 22.86 3.73 30.94
N ASN B 403 23.75 3.74 31.92
CA ASN B 403 25.03 3.05 31.73
C ASN B 403 24.84 1.53 31.67
N ARG B 404 23.89 0.98 32.44
CA ARG B 404 23.57 -0.45 32.33
C ARG B 404 23.01 -0.79 30.94
N ILE B 405 22.13 0.07 30.43
CA ILE B 405 21.56 -0.11 29.10
C ILE B 405 22.66 -0.13 28.04
N LEU B 406 23.55 0.85 28.12
CA LEU B 406 24.62 1.02 27.13
C LEU B 406 25.60 -0.15 27.14
N LYS B 407 25.84 -0.73 28.31
CA LYS B 407 26.73 -1.90 28.37
C LYS B 407 26.18 -3.09 27.63
N ARG B 408 24.85 -3.17 27.62
CA ARG B 408 24.13 -4.16 26.85
C ARG B 408 24.07 -3.80 25.36
N ALA B 409 23.77 -2.55 25.07
CA ALA B 409 23.54 -2.09 23.68
C ALA B 409 24.81 -1.94 22.85
N ILE B 410 25.87 -1.45 23.49
CA ILE B 410 27.13 -1.18 22.81
C ILE B 410 28.11 -2.32 22.98
N ARG B 411 28.42 -2.99 21.89
CA ARG B 411 29.45 -4.02 21.87
C ARG B 411 30.72 -3.43 21.30
C1 GOL C . -14.33 -10.41 -11.03
O1 GOL C . -14.15 -9.02 -11.33
C2 GOL C . -13.11 -10.92 -10.24
O2 GOL C . -12.98 -10.26 -8.96
C3 GOL C . -13.11 -12.44 -10.04
O3 GOL C . -14.36 -12.87 -9.49
C1 GOL D . -9.91 -8.70 -36.98
O1 GOL D . -8.79 -7.84 -36.74
C2 GOL D . -9.54 -9.80 -37.97
O2 GOL D . -8.17 -9.71 -38.38
C3 GOL D . -9.82 -11.16 -37.33
O3 GOL D . -11.11 -11.60 -37.80
C1 GOL E . -18.56 -16.23 -25.95
C1 GOL E . -18.72 -16.25 -25.90
O1 GOL E . -18.09 -15.31 -26.95
O1 GOL E . -18.33 -15.26 -26.86
C2 GOL E . -20.07 -16.29 -25.63
C2 GOL E . -20.23 -16.24 -25.65
O2 GOL E . -20.86 -15.82 -26.71
O2 GOL E . -20.91 -15.53 -26.66
C3 GOL E . -20.55 -15.37 -24.51
C3 GOL E . -20.52 -15.55 -24.32
O3 GOL E . -20.32 -16.05 -23.28
O3 GOL E . -21.55 -14.57 -24.49
C ACT F . -8.58 -8.28 -10.57
O ACT F . -8.01 -8.17 -9.47
OXT ACT F . -9.61 -7.61 -10.80
CH3 ACT F . -8.06 -9.20 -11.66
C1 GOL G . 14.32 10.24 11.02
O1 GOL G . 14.05 10.73 9.70
C2 GOL G . 13.12 9.43 11.48
O2 GOL G . 12.98 8.19 10.75
C3 GOL G . 13.16 9.12 12.98
O3 GOL G . 14.42 8.57 13.36
C1 GOL H . 9.04 35.99 11.64
O1 GOL H . 8.10 35.89 10.57
C2 GOL H . 8.24 36.22 12.89
O2 GOL H . 7.59 37.50 12.75
C3 GOL H . 9.05 36.16 14.20
O3 GOL H . 10.33 36.83 14.21
C1 GOL I . 20.47 23.46 17.04
O1 GOL I . 20.09 22.19 17.62
C2 GOL I . 19.94 24.47 18.04
O2 GOL I . 20.58 25.63 17.60
C3 GOL I . 18.40 24.59 18.07
O3 GOL I . 17.71 25.65 17.38
C ACT J . 8.51 9.85 8.98
O ACT J . 9.54 10.21 8.39
OXT ACT J . 7.99 8.74 8.72
CH3 ACT J . 7.90 10.77 10.00
#